data_6YYQ
#
_entry.id   6YYQ
#
_cell.length_a   92.765
_cell.length_b   92.765
_cell.length_c   182.893
_cell.angle_alpha   90.000
_cell.angle_beta   90.000
_cell.angle_gamma   120.000
#
_symmetry.space_group_name_H-M   'P 32 2 1'
#
loop_
_entity.id
_entity.type
_entity.pdbx_description
1 polymer 'Cathepsin S'
2 non-polymer (6~{R})-2-phenyl-5,6,7,8-tetrahydroquinazolin-6-amine
3 water water
#
_entity_poly.entity_id   1
_entity_poly.type   'polypeptide(L)'
_entity_poly.pdbx_seq_one_letter_code
;RILPDSVDWREKGCVTEVKYQGSCGACWAFSAVGALEAQLKLKTGKLVSLSAQNLVDCSTEKYGNKGCNGGFMTTAFQYI
IDNKGIDSDASYPYKAMDQKCQYDSKYRAATCSKYTELPYGREDVLKEAVANKGPVSVGVDARHPSFFLYRSGVYYEPSC
TQNVNHGVLVVGYGDLNGKEYWLVKNSWGHNFGEEGYIRMARNKGNHCGIASFPSYPEIHHHHHH
;
_entity_poly.pdbx_strand_id   AAA,BBB,CCC,DDD
#
# COMPACT_ATOMS: atom_id res chain seq x y z
N ILE A 2 -8.90 11.45 -30.40
CA ILE A 2 -9.16 12.27 -29.17
C ILE A 2 -10.42 11.72 -28.48
N LEU A 3 -10.28 11.30 -27.21
CA LEU A 3 -11.30 10.67 -26.32
C LEU A 3 -12.32 11.70 -25.86
N PRO A 4 -13.59 11.32 -25.65
CA PRO A 4 -14.60 12.28 -25.21
C PRO A 4 -14.35 12.71 -23.75
N ASP A 5 -14.84 13.90 -23.39
CA ASP A 5 -14.64 14.53 -22.06
C ASP A 5 -15.40 13.72 -21.01
N SER A 6 -16.53 13.12 -21.41
CA SER A 6 -17.46 12.37 -20.53
C SER A 6 -17.81 11.04 -21.19
N VAL A 7 -18.05 10.00 -20.37
CA VAL A 7 -18.53 8.66 -20.77
C VAL A 7 -19.44 8.13 -19.64
N ASP A 8 -20.62 7.59 -19.98
CA ASP A 8 -21.56 6.95 -19.04
C ASP A 8 -22.22 5.79 -19.79
N TRP A 9 -21.76 4.56 -19.53
CA TRP A 9 -22.19 3.35 -20.26
C TRP A 9 -23.66 3.04 -19.98
N ARG A 10 -24.25 3.62 -18.93
CA ARG A 10 -25.68 3.48 -18.59
C ARG A 10 -26.53 4.09 -19.69
N GLU A 11 -26.05 5.20 -20.29
CA GLU A 11 -26.74 5.92 -21.40
C GLU A 11 -26.95 4.96 -22.57
N LYS A 12 -26.05 4.00 -22.77
CA LYS A 12 -26.09 3.06 -23.94
C LYS A 12 -26.59 1.67 -23.46
N GLY A 13 -27.27 1.63 -22.33
CA GLY A 13 -27.96 0.43 -21.81
C GLY A 13 -27.04 -0.76 -21.56
N CYS A 14 -25.78 -0.54 -21.11
CA CYS A 14 -24.77 -1.64 -20.94
C CYS A 14 -24.56 -2.02 -19.46
N VAL A 15 -25.40 -1.51 -18.56
CA VAL A 15 -25.20 -1.64 -17.09
C VAL A 15 -26.51 -2.11 -16.47
N THR A 16 -26.47 -3.18 -15.69
CA THR A 16 -27.68 -3.76 -15.08
C THR A 16 -28.00 -2.97 -13.82
N GLU A 17 -29.16 -3.26 -13.21
CA GLU A 17 -29.53 -2.64 -11.93
C GLU A 17 -28.39 -2.89 -10.93
N VAL A 18 -28.26 -2.00 -9.96
CA VAL A 18 -27.25 -2.13 -8.88
C VAL A 18 -27.66 -3.30 -8.00
N LYS A 19 -26.75 -4.20 -7.68
CA LYS A 19 -27.00 -5.37 -6.80
C LYS A 19 -26.59 -5.06 -5.36
N TYR A 20 -26.99 -5.93 -4.43
CA TYR A 20 -26.78 -5.84 -2.98
C TYR A 20 -26.11 -7.14 -2.51
N GLN A 21 -24.83 -7.08 -2.13
CA GLN A 21 -24.08 -8.29 -1.74
C GLN A 21 -24.43 -8.77 -0.33
N GLY A 22 -25.20 -8.01 0.44
CA GLY A 22 -25.45 -8.37 1.85
C GLY A 22 -24.14 -8.72 2.59
N SER A 23 -24.20 -9.64 3.56
CA SER A 23 -23.11 -9.96 4.52
C SER A 23 -21.94 -10.70 3.86
N CYS A 24 -22.11 -11.13 2.62
CA CYS A 24 -21.13 -11.92 1.83
C CYS A 24 -20.16 -10.98 1.11
N GLY A 25 -18.84 -11.20 1.29
CA GLY A 25 -17.75 -10.42 0.67
C GLY A 25 -17.53 -10.82 -0.78
N ALA A 26 -18.57 -10.69 -1.60
CA ALA A 26 -18.63 -11.14 -3.02
C ALA A 26 -18.49 -9.95 -3.99
N CYS A 27 -17.98 -8.81 -3.51
CA CYS A 27 -17.75 -7.57 -4.30
C CYS A 27 -17.01 -7.92 -5.60
N TRP A 28 -15.98 -8.77 -5.54
CA TRP A 28 -15.21 -9.27 -6.71
C TRP A 28 -16.13 -9.99 -7.72
N ALA A 29 -17.08 -10.79 -7.24
CA ALA A 29 -17.96 -11.56 -8.12
C ALA A 29 -18.88 -10.57 -8.87
N PHE A 30 -19.41 -9.58 -8.16
CA PHE A 30 -20.29 -8.55 -8.74
C PHE A 30 -19.51 -7.73 -9.78
N SER A 31 -18.26 -7.36 -9.48
CA SER A 31 -17.42 -6.54 -10.38
C SER A 31 -17.25 -7.31 -11.69
N ALA A 32 -16.93 -8.60 -11.59
CA ALA A 32 -16.65 -9.45 -12.77
C ALA A 32 -17.91 -9.60 -13.63
N VAL A 33 -19.07 -9.89 -13.03
CA VAL A 33 -20.30 -10.13 -13.84
C VAL A 33 -20.66 -8.80 -14.51
N GLY A 34 -20.55 -7.68 -13.78
CA GLY A 34 -20.81 -6.31 -14.30
C GLY A 34 -20.05 -6.05 -15.58
N ALA A 35 -18.76 -6.33 -15.60
CA ALA A 35 -17.87 -6.08 -16.75
C ALA A 35 -18.34 -6.90 -17.94
N LEU A 36 -18.68 -8.18 -17.70
CA LEU A 36 -19.10 -9.14 -18.76
C LEU A 36 -20.52 -8.82 -19.21
N GLU A 37 -21.40 -8.41 -18.28
CA GLU A 37 -22.76 -7.90 -18.58
C GLU A 37 -22.64 -6.88 -19.72
N ALA A 38 -21.69 -5.95 -19.65
CA ALA A 38 -21.51 -4.87 -20.66
C ALA A 38 -21.08 -5.48 -21.99
N GLN A 39 -20.13 -6.40 -21.96
CA GLN A 39 -19.58 -7.05 -23.19
C GLN A 39 -20.68 -7.87 -23.86
N LEU A 40 -21.55 -8.50 -23.04
CA LEU A 40 -22.72 -9.29 -23.51
C LEU A 40 -23.67 -8.36 -24.26
N LYS A 41 -24.00 -7.20 -23.68
CA LYS A 41 -24.95 -6.24 -24.30
C LYS A 41 -24.35 -5.74 -25.61
N LEU A 42 -23.03 -5.56 -25.66
CA LEU A 42 -22.35 -5.00 -26.86
C LEU A 42 -22.40 -6.02 -28.00
N LYS A 43 -22.32 -7.32 -27.72
CA LYS A 43 -22.28 -8.38 -28.75
C LYS A 43 -23.70 -8.75 -29.20
N THR A 44 -24.61 -9.01 -28.26
CA THR A 44 -25.96 -9.59 -28.48
C THR A 44 -27.04 -8.52 -28.52
N GLY A 45 -26.78 -7.32 -27.99
CA GLY A 45 -27.79 -6.26 -27.88
C GLY A 45 -28.78 -6.52 -26.75
N LYS A 46 -28.53 -7.52 -25.89
CA LYS A 46 -29.44 -7.87 -24.75
C LYS A 46 -28.71 -7.69 -23.40
N LEU A 47 -29.33 -6.95 -22.50
CA LEU A 47 -28.85 -6.67 -21.13
C LEU A 47 -29.40 -7.76 -20.19
N VAL A 48 -28.53 -8.63 -19.68
CA VAL A 48 -28.92 -9.75 -18.78
C VAL A 48 -28.02 -9.78 -17.55
N SER A 49 -28.61 -9.67 -16.36
CA SER A 49 -27.90 -9.86 -15.08
C SER A 49 -27.32 -11.29 -15.07
N LEU A 50 -25.99 -11.41 -14.87
CA LEU A 50 -25.30 -12.72 -14.74
C LEU A 50 -25.11 -13.07 -13.25
N SER A 51 -24.86 -14.35 -12.97
CA SER A 51 -24.89 -14.99 -11.63
C SER A 51 -23.55 -14.77 -10.91
N ALA A 52 -23.51 -13.77 -10.03
CA ALA A 52 -22.44 -13.63 -9.00
C ALA A 52 -22.34 -14.93 -8.17
N GLN A 53 -23.47 -15.55 -7.83
CA GLN A 53 -23.51 -16.76 -6.96
C GLN A 53 -22.69 -17.86 -7.63
N ASN A 54 -22.81 -17.97 -8.96
CA ASN A 54 -22.06 -18.93 -9.82
C ASN A 54 -20.56 -18.80 -9.50
N LEU A 55 -20.06 -17.58 -9.43
CA LEU A 55 -18.60 -17.33 -9.19
C LEU A 55 -18.22 -17.69 -7.75
N VAL A 56 -19.08 -17.39 -6.79
CA VAL A 56 -18.86 -17.68 -5.34
C VAL A 56 -18.81 -19.19 -5.11
N ASP A 57 -19.70 -19.94 -5.76
CA ASP A 57 -19.84 -21.41 -5.55
C ASP A 57 -18.75 -22.16 -6.32
N CYS A 58 -18.46 -21.74 -7.56
CA CYS A 58 -17.76 -22.59 -8.56
C CYS A 58 -16.33 -22.10 -8.85
N SER A 59 -16.02 -20.81 -8.64
CA SER A 59 -14.65 -20.26 -8.80
C SER A 59 -14.00 -20.18 -7.42
N THR A 60 -13.44 -21.28 -6.92
CA THR A 60 -12.99 -21.40 -5.50
C THR A 60 -11.48 -21.71 -5.46
N GLU A 61 -11.09 -22.76 -4.74
CA GLU A 61 -9.70 -23.04 -4.31
C GLU A 61 -8.76 -22.95 -5.52
N LYS A 62 -9.16 -23.53 -6.64
CA LYS A 62 -8.32 -23.65 -7.86
C LYS A 62 -8.03 -22.26 -8.43
N TYR A 63 -8.89 -21.27 -8.15
CA TYR A 63 -8.80 -19.89 -8.68
C TYR A 63 -8.35 -18.88 -7.59
N GLY A 64 -7.97 -19.35 -6.39
CA GLY A 64 -7.44 -18.52 -5.28
C GLY A 64 -8.50 -17.64 -4.65
N ASN A 65 -9.75 -18.11 -4.72
CA ASN A 65 -10.98 -17.39 -4.29
C ASN A 65 -11.61 -18.15 -3.13
N LYS A 66 -12.11 -17.43 -2.12
CA LYS A 66 -12.66 -18.02 -0.87
C LYS A 66 -14.14 -17.66 -0.78
N GLY A 67 -14.84 -17.52 -1.92
CA GLY A 67 -16.29 -17.21 -1.97
C GLY A 67 -16.61 -15.91 -1.24
N CYS A 68 -17.41 -16.00 -0.17
CA CYS A 68 -17.86 -14.85 0.66
C CYS A 68 -16.73 -14.27 1.52
N ASN A 69 -15.53 -14.85 1.45
CA ASN A 69 -14.36 -14.34 2.18
C ASN A 69 -13.38 -13.69 1.19
N GLY A 70 -13.77 -13.56 -0.08
CA GLY A 70 -13.06 -12.71 -1.05
C GLY A 70 -12.47 -13.50 -2.20
N GLY A 71 -11.95 -12.77 -3.19
CA GLY A 71 -11.44 -13.30 -4.45
C GLY A 71 -11.11 -12.18 -5.42
N PHE A 72 -10.70 -12.55 -6.63
CA PHE A 72 -10.16 -11.65 -7.67
C PHE A 72 -11.08 -11.74 -8.88
N MET A 73 -11.22 -10.64 -9.61
CA MET A 73 -12.03 -10.55 -10.86
C MET A 73 -11.31 -11.34 -11.96
N THR A 74 -9.98 -11.24 -12.06
CA THR A 74 -9.20 -11.91 -13.11
C THR A 74 -9.46 -13.42 -13.09
N THR A 75 -9.33 -14.06 -11.93
CA THR A 75 -9.50 -15.53 -11.79
C THR A 75 -10.98 -15.89 -11.99
N ALA A 76 -11.91 -14.97 -11.71
CA ALA A 76 -13.35 -15.16 -11.95
C ALA A 76 -13.56 -15.28 -13.46
N PHE A 77 -12.91 -14.40 -14.24
CA PHE A 77 -12.93 -14.45 -15.73
C PHE A 77 -12.38 -15.81 -16.17
N GLN A 78 -11.25 -16.20 -15.59
CA GLN A 78 -10.56 -17.48 -15.93
C GLN A 78 -11.57 -18.62 -15.84
N TYR A 79 -12.28 -18.71 -14.72
CA TYR A 79 -13.27 -19.79 -14.47
C TYR A 79 -14.30 -19.80 -15.59
N ILE A 80 -14.79 -18.62 -16.01
CA ILE A 80 -15.83 -18.51 -17.07
C ILE A 80 -15.26 -19.05 -18.40
N ILE A 81 -13.98 -18.81 -18.69
CA ILE A 81 -13.28 -19.33 -19.90
C ILE A 81 -13.20 -20.86 -19.77
N ASP A 82 -12.74 -21.36 -18.63
CA ASP A 82 -12.46 -22.80 -18.38
C ASP A 82 -13.77 -23.59 -18.37
N ASN A 83 -14.84 -23.01 -17.80
CA ASN A 83 -16.20 -23.58 -17.73
C ASN A 83 -16.92 -23.43 -19.06
N LYS A 84 -16.43 -22.52 -19.93
CA LYS A 84 -17.01 -22.21 -21.26
C LYS A 84 -18.46 -21.74 -21.06
N GLY A 85 -18.71 -20.99 -19.96
CA GLY A 85 -19.95 -20.25 -19.75
C GLY A 85 -20.18 -19.86 -18.30
N ILE A 86 -21.20 -19.04 -18.07
CA ILE A 86 -21.71 -18.64 -16.73
C ILE A 86 -23.24 -18.48 -16.84
N ASP A 87 -23.97 -18.83 -15.79
CA ASP A 87 -25.45 -18.82 -15.78
C ASP A 87 -25.96 -17.40 -15.54
N SER A 88 -27.21 -17.12 -15.96
CA SER A 88 -27.94 -15.86 -15.69
C SER A 88 -28.20 -15.77 -14.18
N ASP A 89 -28.41 -14.56 -13.67
CA ASP A 89 -28.78 -14.38 -12.24
C ASP A 89 -30.13 -15.05 -12.02
N ALA A 90 -31.04 -14.98 -13.03
CA ALA A 90 -32.41 -15.53 -12.96
C ALA A 90 -32.31 -17.03 -12.69
N SER A 91 -31.42 -17.72 -13.38
CA SER A 91 -31.31 -19.21 -13.35
C SER A 91 -30.57 -19.68 -12.08
N TYR A 92 -29.79 -18.78 -11.48
CA TYR A 92 -28.77 -19.07 -10.45
C TYR A 92 -28.69 -17.88 -9.51
N PRO A 93 -29.81 -17.59 -8.80
CA PRO A 93 -29.92 -16.38 -7.99
C PRO A 93 -28.89 -16.27 -6.85
N TYR A 94 -28.64 -15.03 -6.40
CA TYR A 94 -27.70 -14.67 -5.31
C TYR A 94 -28.36 -14.95 -3.97
N LYS A 95 -27.64 -15.63 -3.08
CA LYS A 95 -28.12 -16.08 -1.74
C LYS A 95 -27.17 -15.58 -0.64
N ALA A 96 -26.11 -14.84 -0.99
CA ALA A 96 -25.14 -14.23 -0.05
C ALA A 96 -24.61 -15.27 0.96
N MET A 97 -24.25 -16.46 0.47
CA MET A 97 -23.52 -17.47 1.27
C MET A 97 -22.79 -18.40 0.31
N ASP A 98 -21.74 -19.09 0.80
CA ASP A 98 -21.01 -20.15 0.06
C ASP A 98 -21.93 -21.35 -0.07
N GLN A 99 -22.32 -21.70 -1.29
CA GLN A 99 -22.99 -22.98 -1.61
C GLN A 99 -22.00 -23.85 -2.38
N LYS A 100 -22.32 -25.12 -2.55
CA LYS A 100 -21.57 -26.03 -3.43
C LYS A 100 -21.95 -25.65 -4.88
N CYS A 101 -21.08 -25.93 -5.84
CA CYS A 101 -21.30 -25.57 -7.26
C CYS A 101 -22.66 -26.11 -7.72
N GLN A 102 -23.49 -25.26 -8.35
CA GLN A 102 -24.82 -25.65 -8.91
C GLN A 102 -24.86 -25.23 -10.38
N TYR A 103 -23.72 -25.13 -11.05
CA TYR A 103 -23.68 -24.62 -12.45
C TYR A 103 -24.35 -25.64 -13.37
N ASP A 104 -25.18 -25.14 -14.29
CA ASP A 104 -25.88 -25.92 -15.33
C ASP A 104 -25.75 -25.23 -16.69
N SER A 105 -25.13 -25.90 -17.66
CA SER A 105 -24.78 -25.35 -19.00
C SER A 105 -26.03 -24.98 -19.79
N LYS A 106 -27.18 -25.53 -19.39
CA LYS A 106 -28.45 -25.31 -20.12
C LYS A 106 -28.96 -23.90 -19.79
N TYR A 107 -28.59 -23.29 -18.66
CA TYR A 107 -29.00 -21.91 -18.28
C TYR A 107 -27.87 -20.91 -18.48
N ARG A 108 -26.81 -21.32 -19.18
CA ARG A 108 -25.65 -20.48 -19.61
C ARG A 108 -26.21 -19.24 -20.32
N ALA A 109 -25.71 -18.05 -20.00
CA ALA A 109 -26.22 -16.74 -20.49
C ALA A 109 -25.13 -15.90 -21.17
N ALA A 110 -23.85 -16.16 -20.85
CA ALA A 110 -22.71 -15.55 -21.56
C ALA A 110 -21.49 -16.46 -21.45
N THR A 111 -20.56 -16.26 -22.40
CA THR A 111 -19.23 -16.89 -22.42
C THR A 111 -18.17 -15.80 -22.33
N CYS A 112 -16.89 -16.20 -22.31
CA CYS A 112 -15.74 -15.27 -22.20
C CYS A 112 -14.52 -15.91 -22.87
N SER A 113 -13.97 -15.24 -23.88
CA SER A 113 -12.87 -15.75 -24.71
C SER A 113 -11.50 -15.40 -24.08
N LYS A 114 -11.45 -14.38 -23.22
CA LYS A 114 -10.19 -13.81 -22.67
C LYS A 114 -10.49 -12.61 -21.78
N TYR A 115 -9.46 -12.07 -21.13
CA TYR A 115 -9.53 -10.84 -20.30
C TYR A 115 -8.16 -10.16 -20.33
N THR A 116 -8.21 -8.84 -20.21
CA THR A 116 -7.04 -7.93 -20.29
C THR A 116 -6.85 -7.25 -18.93
N GLU A 117 -5.66 -7.46 -18.33
CA GLU A 117 -5.17 -6.73 -17.12
C GLU A 117 -4.50 -5.43 -17.61
N LEU A 118 -4.89 -4.28 -17.07
CA LEU A 118 -4.32 -2.96 -17.47
C LEU A 118 -3.13 -2.63 -16.56
N PRO A 119 -2.20 -1.76 -17.02
CA PRO A 119 -1.01 -1.43 -16.24
C PRO A 119 -1.32 -0.61 -14.98
N TYR A 120 -0.64 -0.95 -13.89
CA TYR A 120 -0.76 -0.33 -12.54
C TYR A 120 -0.71 1.19 -12.62
N GLY A 121 -1.75 1.85 -12.11
CA GLY A 121 -1.79 3.29 -11.79
C GLY A 121 -2.02 4.17 -13.02
N ARG A 122 -2.11 3.57 -14.22
CA ARG A 122 -2.23 4.32 -15.48
C ARG A 122 -3.70 4.76 -15.65
N GLU A 123 -4.03 5.97 -15.20
CA GLU A 123 -5.39 6.57 -15.26
C GLU A 123 -5.68 7.09 -16.67
N ASP A 124 -4.64 7.21 -17.52
CA ASP A 124 -4.84 7.61 -18.95
C ASP A 124 -5.18 6.34 -19.75
N VAL A 125 -4.53 5.22 -19.44
CA VAL A 125 -4.84 3.89 -20.05
C VAL A 125 -6.27 3.50 -19.63
N LEU A 126 -6.58 3.59 -18.34
CA LEU A 126 -7.93 3.22 -17.81
C LEU A 126 -8.98 4.02 -18.59
N LYS A 127 -8.78 5.34 -18.74
CA LYS A 127 -9.72 6.24 -19.44
C LYS A 127 -9.92 5.75 -20.89
N GLU A 128 -8.85 5.28 -21.53
CA GLU A 128 -8.84 4.80 -22.94
C GLU A 128 -9.71 3.53 -23.06
N ALA A 129 -9.61 2.65 -22.07
CA ALA A 129 -10.35 1.37 -21.98
C ALA A 129 -11.82 1.65 -21.73
N VAL A 130 -12.14 2.52 -20.78
CA VAL A 130 -13.55 2.89 -20.49
C VAL A 130 -14.17 3.52 -21.74
N ALA A 131 -13.45 4.35 -22.47
CA ALA A 131 -13.93 5.03 -23.70
C ALA A 131 -14.19 4.01 -24.83
N ASN A 132 -13.22 3.12 -25.09
CA ASN A 132 -13.11 2.32 -26.35
C ASN A 132 -13.51 0.84 -26.17
N LYS A 133 -13.58 0.29 -24.95
CA LYS A 133 -13.83 -1.17 -24.74
C LYS A 133 -15.13 -1.40 -23.96
N GLY A 134 -15.30 -0.68 -22.85
CA GLY A 134 -16.49 -0.78 -22.00
C GLY A 134 -16.13 -0.66 -20.52
N PRO A 135 -17.10 -0.81 -19.62
CA PRO A 135 -16.82 -0.79 -18.19
C PRO A 135 -15.63 -1.68 -17.81
N VAL A 136 -14.91 -1.31 -16.75
CA VAL A 136 -13.64 -1.97 -16.34
C VAL A 136 -13.78 -2.39 -14.88
N SER A 137 -13.57 -3.66 -14.59
CA SER A 137 -13.47 -4.18 -13.20
C SER A 137 -12.22 -3.57 -12.57
N VAL A 138 -12.36 -3.03 -11.35
CA VAL A 138 -11.23 -2.44 -10.57
C VAL A 138 -11.39 -2.83 -9.10
N GLY A 139 -10.27 -2.85 -8.38
CA GLY A 139 -10.22 -2.82 -6.92
C GLY A 139 -10.05 -1.39 -6.42
N VAL A 140 -10.70 -1.07 -5.30
CA VAL A 140 -10.50 0.18 -4.54
C VAL A 140 -10.19 -0.15 -3.08
N ASP A 141 -9.53 0.80 -2.42
CA ASP A 141 -9.43 0.85 -0.94
C ASP A 141 -10.71 1.48 -0.42
N ALA A 142 -11.55 0.70 0.25
CA ALA A 142 -12.84 1.10 0.84
C ALA A 142 -12.83 0.92 2.36
N ARG A 143 -11.65 0.80 2.99
CA ARG A 143 -11.56 0.61 4.47
C ARG A 143 -12.00 1.86 5.22
N HIS A 144 -12.16 3.01 4.55
CA HIS A 144 -12.40 4.33 5.20
C HIS A 144 -13.89 4.58 5.36
N PRO A 145 -14.35 4.85 6.58
CA PRO A 145 -15.74 5.22 6.79
C PRO A 145 -16.25 6.25 5.79
N SER A 146 -15.41 7.19 5.36
CA SER A 146 -15.79 8.20 4.36
C SER A 146 -16.33 7.55 3.08
N PHE A 147 -15.80 6.36 2.72
CA PHE A 147 -16.23 5.63 1.50
C PHE A 147 -17.67 5.13 1.69
N PHE A 148 -17.94 4.32 2.73
CA PHE A 148 -19.27 3.75 3.03
C PHE A 148 -20.30 4.86 3.18
N LEU A 149 -19.89 6.03 3.63
CA LEU A 149 -20.80 7.12 4.07
C LEU A 149 -21.03 8.10 2.94
N TYR A 150 -20.27 8.02 1.86
CA TYR A 150 -20.42 8.91 0.70
C TYR A 150 -21.90 9.02 0.33
N ARG A 151 -22.34 10.25 0.08
CA ARG A 151 -23.71 10.62 -0.33
C ARG A 151 -23.66 11.18 -1.76
N SER A 152 -22.73 12.08 -2.03
CA SER A 152 -22.68 12.74 -3.36
C SER A 152 -21.39 13.52 -3.60
N GLY A 153 -21.18 13.96 -4.85
CA GLY A 153 -20.02 14.78 -5.26
C GLY A 153 -18.86 13.90 -5.64
N VAL A 154 -17.66 14.48 -5.71
CA VAL A 154 -16.43 13.70 -6.01
C VAL A 154 -15.80 13.29 -4.67
N TYR A 155 -15.51 12.01 -4.49
CA TYR A 155 -14.88 11.43 -3.28
C TYR A 155 -13.37 11.68 -3.32
N TYR A 156 -12.84 12.45 -2.38
CA TYR A 156 -11.40 12.50 -2.10
C TYR A 156 -11.18 12.26 -0.61
N GLU A 157 -10.46 11.19 -0.29
CA GLU A 157 -10.07 10.77 1.08
C GLU A 157 -8.54 10.89 1.17
N PRO A 158 -8.03 11.89 1.91
CA PRO A 158 -6.60 12.07 2.09
C PRO A 158 -5.85 10.80 2.53
N SER A 159 -6.51 9.95 3.32
CA SER A 159 -5.90 8.78 3.99
C SER A 159 -6.02 7.53 3.11
N CYS A 160 -6.41 7.68 1.84
CA CYS A 160 -6.69 6.50 0.95
C CYS A 160 -5.35 5.91 0.49
N THR A 161 -5.34 4.62 0.15
CA THR A 161 -4.12 3.88 -0.25
C THR A 161 -4.36 3.06 -1.51
N GLN A 162 -3.29 2.51 -2.04
CA GLN A 162 -3.23 1.59 -3.19
C GLN A 162 -3.41 0.14 -2.71
N ASN A 163 -3.52 -0.10 -1.40
CA ASN A 163 -3.82 -1.43 -0.79
C ASN A 163 -5.31 -1.76 -0.98
N VAL A 164 -5.73 -2.13 -2.19
CA VAL A 164 -7.18 -2.26 -2.54
C VAL A 164 -7.74 -3.53 -1.90
N ASN A 165 -9.04 -3.49 -1.53
CA ASN A 165 -9.73 -4.56 -0.75
C ASN A 165 -11.17 -4.76 -1.24
N HIS A 166 -11.62 -4.03 -2.25
CA HIS A 166 -13.05 -3.98 -2.62
C HIS A 166 -13.21 -3.90 -4.13
N GLY A 167 -13.82 -4.91 -4.74
CA GLY A 167 -14.08 -4.96 -6.19
C GLY A 167 -15.29 -4.13 -6.58
N VAL A 168 -15.16 -3.28 -7.58
CA VAL A 168 -16.24 -2.41 -8.11
C VAL A 168 -16.03 -2.31 -9.62
N LEU A 169 -16.81 -1.48 -10.29
CA LEU A 169 -16.86 -1.41 -11.76
C LEU A 169 -16.91 0.05 -12.16
N VAL A 170 -15.94 0.46 -12.98
CA VAL A 170 -15.88 1.83 -13.58
C VAL A 170 -16.80 1.82 -14.81
N VAL A 171 -17.95 2.46 -14.72
CA VAL A 171 -18.91 2.53 -15.86
C VAL A 171 -18.79 3.87 -16.59
N GLY A 172 -17.88 4.74 -16.17
CA GLY A 172 -17.65 5.99 -16.94
C GLY A 172 -16.71 6.94 -16.25
N TYR A 173 -16.69 8.18 -16.72
CA TYR A 173 -15.83 9.28 -16.21
C TYR A 173 -16.40 10.61 -16.66
N GLY A 174 -16.03 11.67 -15.95
CA GLY A 174 -16.39 13.07 -16.29
C GLY A 174 -15.74 14.06 -15.36
N ASP A 175 -16.33 15.25 -15.27
CA ASP A 175 -15.91 16.31 -14.32
C ASP A 175 -17.17 16.96 -13.72
N LEU A 176 -17.22 17.08 -12.39
CA LEU A 176 -18.26 17.85 -11.65
C LEU A 176 -17.60 19.16 -11.21
N ASN A 177 -17.93 20.27 -11.88
CA ASN A 177 -17.47 21.64 -11.50
C ASN A 177 -15.96 21.60 -11.31
N GLY A 178 -15.21 21.25 -12.36
CA GLY A 178 -13.74 21.25 -12.36
C GLY A 178 -13.18 19.90 -11.97
N LYS A 179 -13.72 19.33 -10.88
CA LYS A 179 -13.25 18.06 -10.25
C LYS A 179 -13.55 16.91 -11.21
N GLU A 180 -12.50 16.27 -11.72
CA GLU A 180 -12.52 15.06 -12.59
C GLU A 180 -12.84 13.83 -11.72
N TYR A 181 -13.61 12.88 -12.28
CA TYR A 181 -14.07 11.68 -11.52
C TYR A 181 -14.19 10.45 -12.41
N TRP A 182 -14.10 9.30 -11.75
CA TRP A 182 -14.51 7.97 -12.24
C TRP A 182 -15.94 7.71 -11.74
N LEU A 183 -16.84 7.24 -12.62
CA LEU A 183 -18.21 6.82 -12.26
C LEU A 183 -18.15 5.34 -11.87
N VAL A 184 -18.36 5.04 -10.58
CA VAL A 184 -18.14 3.67 -10.03
C VAL A 184 -19.48 3.09 -9.56
N LYS A 185 -19.83 1.92 -10.13
CA LYS A 185 -20.94 1.06 -9.70
C LYS A 185 -20.43 0.16 -8.57
N ASN A 186 -21.11 0.20 -7.44
CA ASN A 186 -20.85 -0.64 -6.25
C ASN A 186 -21.90 -1.76 -6.16
N SER A 187 -21.70 -2.74 -5.27
CA SER A 187 -22.60 -3.87 -4.99
C SER A 187 -23.23 -3.75 -3.59
N TRP A 188 -23.61 -2.53 -3.15
CA TRP A 188 -24.19 -2.27 -1.80
C TRP A 188 -25.62 -1.78 -1.92
N GLY A 189 -26.27 -1.99 -3.06
CA GLY A 189 -27.69 -1.67 -3.26
C GLY A 189 -27.90 -0.20 -3.57
N HIS A 190 -29.16 0.21 -3.75
CA HIS A 190 -29.48 1.55 -4.30
C HIS A 190 -29.24 2.61 -3.23
N ASN A 191 -29.15 2.22 -1.95
CA ASN A 191 -29.11 3.24 -0.86
C ASN A 191 -27.65 3.64 -0.55
N PHE A 192 -26.67 3.04 -1.21
CA PHE A 192 -25.28 3.53 -1.14
C PHE A 192 -25.07 4.66 -2.15
N GLY A 193 -24.50 5.77 -1.71
CA GLY A 193 -24.06 6.86 -2.62
C GLY A 193 -25.21 7.41 -3.43
N GLU A 194 -25.01 7.59 -4.73
CA GLU A 194 -26.00 8.16 -5.69
C GLU A 194 -26.66 6.98 -6.43
N GLU A 195 -27.71 6.44 -5.83
CA GLU A 195 -28.44 5.22 -6.29
C GLU A 195 -27.48 4.08 -6.59
N GLY A 196 -26.49 3.93 -5.73
CA GLY A 196 -25.56 2.77 -5.77
C GLY A 196 -24.24 3.11 -6.43
N TYR A 197 -24.08 4.35 -6.92
CA TYR A 197 -22.85 4.81 -7.59
C TYR A 197 -22.10 5.79 -6.68
N ILE A 198 -20.78 5.82 -6.83
CA ILE A 198 -19.88 6.83 -6.21
C ILE A 198 -18.98 7.39 -7.30
N ARG A 199 -18.90 8.72 -7.36
CA ARG A 199 -17.92 9.40 -8.24
C ARG A 199 -16.64 9.56 -7.42
N MET A 200 -15.56 8.95 -7.90
CA MET A 200 -14.28 8.88 -7.18
C MET A 200 -13.25 9.76 -7.91
N ALA A 201 -12.39 10.46 -7.15
CA ALA A 201 -11.42 11.44 -7.67
C ALA A 201 -10.63 10.75 -8.77
N ARG A 202 -10.43 11.45 -9.89
CA ARG A 202 -9.69 10.94 -11.08
C ARG A 202 -8.55 11.91 -11.39
N ASN A 203 -7.41 11.42 -11.87
CA ASN A 203 -6.19 12.21 -12.17
C ASN A 203 -5.67 12.84 -10.88
N LYS A 204 -5.79 12.10 -9.76
CA LYS A 204 -5.39 12.53 -8.39
C LYS A 204 -4.63 11.34 -7.75
N GLY A 205 -3.55 10.92 -8.46
CA GLY A 205 -2.50 10.03 -7.93
C GLY A 205 -3.01 8.62 -7.70
N ASN A 206 -3.82 8.10 -8.63
CA ASN A 206 -4.37 6.72 -8.55
C ASN A 206 -5.17 6.62 -7.23
N HIS A 207 -6.08 7.56 -7.01
CA HIS A 207 -6.80 7.74 -5.71
C HIS A 207 -7.54 6.44 -5.32
N CYS A 208 -7.24 5.92 -4.12
CA CYS A 208 -7.77 4.67 -3.52
C CYS A 208 -7.39 3.45 -4.36
N GLY A 209 -6.34 3.57 -5.17
CA GLY A 209 -5.83 2.47 -6.02
C GLY A 209 -6.84 2.02 -7.06
N ILE A 210 -7.66 2.95 -7.56
CA ILE A 210 -8.73 2.66 -8.54
C ILE A 210 -8.09 2.01 -9.77
N ALA A 211 -6.96 2.58 -10.24
CA ALA A 211 -6.20 2.10 -11.42
C ALA A 211 -5.10 1.11 -11.01
N SER A 212 -5.15 0.54 -9.80
CA SER A 212 -4.14 -0.44 -9.33
C SER A 212 -4.26 -1.75 -10.11
N PHE A 213 -5.43 -2.40 -10.11
CA PHE A 213 -5.68 -3.72 -10.77
C PHE A 213 -6.93 -3.65 -11.62
N PRO A 214 -6.88 -2.96 -12.78
CA PRO A 214 -8.03 -2.91 -13.68
C PRO A 214 -8.01 -4.11 -14.64
N SER A 215 -9.17 -4.73 -14.86
CA SER A 215 -9.33 -5.80 -15.89
C SER A 215 -10.71 -5.69 -16.55
N TYR A 216 -10.78 -6.17 -17.79
CA TYR A 216 -12.03 -6.28 -18.59
C TYR A 216 -11.96 -7.56 -19.44
N PRO A 217 -13.11 -8.26 -19.55
CA PRO A 217 -13.20 -9.48 -20.35
C PRO A 217 -13.61 -9.10 -21.77
N GLU A 218 -13.47 -10.01 -22.73
CA GLU A 218 -14.02 -9.85 -24.10
C GLU A 218 -14.73 -11.13 -24.52
N ILE A 219 -15.77 -11.03 -25.35
CA ILE A 219 -16.47 -12.20 -25.96
C ILE A 219 -16.19 -12.18 -27.47
N HIS A 220 -15.14 -12.85 -27.93
CA HIS A 220 -14.57 -12.63 -29.30
C HIS A 220 -15.33 -13.50 -30.32
N HIS A 221 -15.36 -14.83 -30.10
CA HIS A 221 -15.89 -15.85 -31.06
C HIS A 221 -16.20 -17.16 -30.31
N ILE B 2 -0.99 33.46 6.09
CA ILE B 2 -0.82 33.10 4.64
C ILE B 2 0.54 32.39 4.47
N LEU B 3 0.51 31.13 4.01
CA LEU B 3 1.69 30.28 3.69
C LEU B 3 2.31 30.77 2.38
N PRO B 4 3.65 30.89 2.27
CA PRO B 4 4.26 31.35 1.02
C PRO B 4 4.12 30.28 -0.06
N ASP B 5 4.12 30.69 -1.34
CA ASP B 5 3.95 29.78 -2.49
C ASP B 5 5.18 28.88 -2.62
N SER B 6 6.34 29.38 -2.18
CA SER B 6 7.63 28.64 -2.22
C SER B 6 8.30 28.66 -0.84
N VAL B 7 8.96 27.57 -0.49
CA VAL B 7 9.84 27.44 0.71
C VAL B 7 11.05 26.59 0.32
N ASP B 8 12.25 27.06 0.62
CA ASP B 8 13.53 26.35 0.42
C ASP B 8 14.40 26.68 1.64
N TRP B 9 14.48 25.77 2.59
CA TRP B 9 15.22 25.95 3.87
C TRP B 9 16.72 26.09 3.62
N ARG B 10 17.20 25.73 2.42
CA ARG B 10 18.61 25.95 2.01
C ARG B 10 18.88 27.45 1.91
N GLU B 11 17.90 28.26 1.51
CA GLU B 11 17.97 29.75 1.47
C GLU B 11 18.34 30.31 2.85
N LYS B 12 17.91 29.65 3.93
CA LYS B 12 18.11 30.13 5.33
C LYS B 12 19.25 29.34 5.98
N GLY B 13 20.06 28.63 5.19
CA GLY B 13 21.26 27.90 5.64
C GLY B 13 20.95 26.82 6.69
N CYS B 14 19.82 26.13 6.59
CA CYS B 14 19.34 25.14 7.61
C CYS B 14 19.55 23.68 7.16
N VAL B 15 20.28 23.45 6.07
CA VAL B 15 20.39 22.13 5.39
C VAL B 15 21.86 21.88 5.13
N THR B 16 22.39 20.74 5.55
CA THR B 16 23.85 20.45 5.44
C THR B 16 24.11 19.92 4.03
N GLU B 17 25.39 19.79 3.65
CA GLU B 17 25.74 19.17 2.35
C GLU B 17 25.10 17.78 2.30
N VAL B 18 24.82 17.33 1.08
CA VAL B 18 24.15 16.03 0.83
C VAL B 18 25.13 14.93 1.22
N LYS B 19 24.67 13.93 1.96
CA LYS B 19 25.49 12.78 2.39
C LYS B 19 25.27 11.60 1.42
N TYR B 20 26.14 10.60 1.54
CA TYR B 20 26.20 9.36 0.71
C TYR B 20 26.17 8.18 1.68
N GLN B 21 25.06 7.44 1.74
CA GLN B 21 24.91 6.33 2.69
C GLN B 21 25.66 5.09 2.22
N GLY B 22 26.19 5.07 1.00
CA GLY B 22 26.79 3.85 0.44
C GLY B 22 25.86 2.66 0.60
N SER B 23 26.44 1.47 0.71
CA SER B 23 25.77 0.14 0.70
C SER B 23 24.95 -0.11 1.97
N CYS B 24 25.05 0.77 2.96
CA CYS B 24 24.37 0.68 4.29
C CYS B 24 23.00 1.34 4.18
N GLY B 25 21.93 0.61 4.57
CA GLY B 25 20.53 1.06 4.52
C GLY B 25 20.18 1.99 5.67
N ALA B 26 20.91 3.11 5.79
CA ALA B 26 20.83 4.10 6.89
C ALA B 26 20.03 5.35 6.48
N CYS B 27 19.20 5.27 5.42
CA CYS B 27 18.38 6.38 4.89
C CYS B 27 17.58 7.01 6.04
N TRP B 28 17.01 6.20 6.94
CA TRP B 28 16.26 6.65 8.15
C TRP B 28 17.15 7.49 9.07
N ALA B 29 18.41 7.11 9.25
CA ALA B 29 19.33 7.84 10.15
C ALA B 29 19.61 9.21 9.52
N PHE B 30 19.85 9.25 8.22
CA PHE B 30 20.12 10.52 7.51
C PHE B 30 18.89 11.43 7.55
N SER B 31 17.69 10.87 7.40
CA SER B 31 16.42 11.64 7.44
C SER B 31 16.33 12.31 8.80
N ALA B 32 16.53 11.54 9.86
CA ALA B 32 16.40 12.04 11.26
C ALA B 32 17.45 13.12 11.55
N VAL B 33 18.72 12.92 11.19
CA VAL B 33 19.76 13.92 11.56
C VAL B 33 19.47 15.19 10.77
N GLY B 34 19.09 15.07 9.50
CA GLY B 34 18.71 16.20 8.63
C GLY B 34 17.68 17.09 9.29
N ALA B 35 16.61 16.50 9.82
CA ALA B 35 15.49 17.24 10.43
C ALA B 35 16.00 18.02 11.64
N LEU B 36 16.83 17.36 12.46
CA LEU B 36 17.36 17.92 13.73
C LEU B 36 18.46 18.94 13.41
N GLU B 37 19.30 18.68 12.40
CA GLU B 37 20.28 19.66 11.85
C GLU B 37 19.60 21.02 11.66
N ALA B 38 18.40 21.04 11.08
CA ALA B 38 17.65 22.29 10.78
C ALA B 38 17.22 22.93 12.09
N GLN B 39 16.67 22.15 13.03
CA GLN B 39 16.20 22.66 14.33
C GLN B 39 17.40 23.21 15.13
N LEU B 40 18.58 22.59 15.01
CA LEU B 40 19.84 23.04 15.63
C LEU B 40 20.23 24.41 15.06
N LYS B 41 20.18 24.57 13.73
CA LYS B 41 20.54 25.86 13.08
C LYS B 41 19.53 26.93 13.52
N LEU B 42 18.27 26.56 13.71
CA LEU B 42 17.21 27.53 14.11
C LEU B 42 17.45 28.01 15.53
N LYS B 43 17.95 27.15 16.43
CA LYS B 43 18.12 27.52 17.87
C LYS B 43 19.46 28.24 18.10
N THR B 44 20.57 27.74 17.54
CA THR B 44 21.96 28.18 17.78
C THR B 44 22.49 29.10 16.67
N GLY B 45 21.87 29.09 15.50
CA GLY B 45 22.36 29.84 14.31
C GLY B 45 23.58 29.18 13.67
N LYS B 46 23.95 27.95 14.05
CA LYS B 46 25.14 27.24 13.50
C LYS B 46 24.69 25.93 12.80
N LEU B 47 25.20 25.73 11.59
CA LEU B 47 24.93 24.54 10.74
C LEU B 47 25.96 23.45 11.05
N VAL B 48 25.55 22.38 11.70
CA VAL B 48 26.47 21.25 12.06
C VAL B 48 25.88 19.91 11.58
N SER B 49 26.60 19.23 10.69
CA SER B 49 26.32 17.84 10.31
C SER B 49 26.31 16.99 11.59
N LEU B 50 25.21 16.27 11.87
CA LEU B 50 25.08 15.35 13.02
C LEU B 50 25.34 13.91 12.55
N SER B 51 25.70 13.05 13.50
CA SER B 51 26.25 11.68 13.29
C SER B 51 25.08 10.71 13.03
N ALA B 52 24.82 10.44 11.76
CA ALA B 52 24.02 9.28 11.32
C ALA B 52 24.63 7.99 11.88
N GLN B 53 25.97 7.89 11.92
CA GLN B 53 26.67 6.65 12.42
C GLN B 53 26.23 6.38 13.85
N ASN B 54 26.10 7.44 14.65
CA ASN B 54 25.61 7.43 16.07
C ASN B 54 24.30 6.66 16.12
N LEU B 55 23.38 6.97 15.22
CA LEU B 55 22.02 6.35 15.21
C LEU B 55 22.13 4.88 14.77
N VAL B 56 22.98 4.57 13.80
CA VAL B 56 23.19 3.18 13.27
C VAL B 56 23.76 2.30 14.38
N ASP B 57 24.74 2.81 15.15
CA ASP B 57 25.46 2.02 16.18
C ASP B 57 24.59 1.88 17.44
N CYS B 58 23.92 2.97 17.85
CA CYS B 58 23.41 3.16 19.24
C CYS B 58 21.88 3.09 19.33
N SER B 59 21.14 3.40 18.25
CA SER B 59 19.66 3.27 18.19
C SER B 59 19.31 1.94 17.52
N THR B 60 19.31 0.85 18.28
CA THR B 60 19.26 -0.54 17.73
C THR B 60 18.03 -1.26 18.31
N GLU B 61 18.24 -2.45 18.88
CA GLU B 61 17.19 -3.44 19.25
C GLU B 61 16.05 -2.72 19.99
N LYS B 62 16.40 -1.87 20.97
CA LYS B 62 15.43 -1.25 21.91
C LYS B 62 14.54 -0.29 21.13
N TYR B 63 15.00 0.21 19.98
CA TYR B 63 14.28 1.22 19.14
C TYR B 63 13.67 0.58 17.88
N GLY B 64 13.76 -0.74 17.70
CA GLY B 64 13.15 -1.47 16.56
C GLY B 64 13.91 -1.22 15.28
N ASN B 65 15.21 -0.91 15.40
CA ASN B 65 16.12 -0.48 14.31
C ASN B 65 17.21 -1.53 14.14
N LYS B 66 17.58 -1.84 12.90
CA LYS B 66 18.52 -2.93 12.55
C LYS B 66 19.76 -2.33 11.87
N GLY B 67 20.12 -1.09 12.23
CA GLY B 67 21.31 -0.39 11.71
C GLY B 67 21.26 -0.28 10.19
N CYS B 68 22.23 -0.90 9.51
CA CYS B 68 22.36 -0.89 8.03
C CYS B 68 21.28 -1.75 7.35
N ASN B 69 20.39 -2.38 8.10
CA ASN B 69 19.26 -3.15 7.53
C ASN B 69 17.93 -2.42 7.82
N GLY B 70 18.00 -1.18 8.30
CA GLY B 70 16.83 -0.27 8.32
C GLY B 70 16.36 0.11 9.71
N GLY B 71 15.40 1.03 9.77
CA GLY B 71 14.92 1.66 11.01
C GLY B 71 13.98 2.81 10.71
N PHE B 72 13.50 3.47 11.76
CA PHE B 72 12.42 4.49 11.73
C PHE B 72 13.03 5.80 12.25
N MET B 73 12.54 6.94 11.73
CA MET B 73 13.01 8.29 12.10
C MET B 73 12.50 8.62 13.50
N THR B 74 11.24 8.28 13.76
CA THR B 74 10.57 8.53 15.07
C THR B 74 11.40 7.92 16.21
N THR B 75 11.76 6.64 16.12
CA THR B 75 12.51 5.92 17.19
C THR B 75 13.94 6.46 17.25
N ALA B 76 14.48 7.00 16.15
CA ALA B 76 15.80 7.64 16.11
C ALA B 76 15.75 8.90 16.97
N PHE B 77 14.67 9.67 16.86
CA PHE B 77 14.42 10.87 17.69
C PHE B 77 14.35 10.42 19.16
N GLN B 78 13.59 9.36 19.41
CA GLN B 78 13.38 8.81 20.78
C GLN B 78 14.73 8.56 21.44
N TYR B 79 15.64 7.86 20.73
CA TYR B 79 16.99 7.53 21.22
C TYR B 79 17.71 8.81 21.63
N ILE B 80 17.61 9.87 20.83
CA ILE B 80 18.30 11.17 21.09
C ILE B 80 17.75 11.79 22.38
N ILE B 81 16.45 11.67 22.62
CA ILE B 81 15.78 12.15 23.87
C ILE B 81 16.31 11.32 25.05
N ASP B 82 16.28 9.98 24.92
CA ASP B 82 16.64 9.03 26.00
C ASP B 82 18.14 9.12 26.34
N ASN B 83 18.98 9.31 25.32
CA ASN B 83 20.46 9.46 25.42
C ASN B 83 20.79 10.89 25.88
N LYS B 84 19.84 11.82 25.74
CA LYS B 84 20.02 13.26 26.07
C LYS B 84 21.19 13.82 25.27
N GLY B 85 21.36 13.35 24.03
CA GLY B 85 22.23 14.01 23.04
C GLY B 85 22.57 13.13 21.87
N ILE B 86 23.25 13.71 20.88
CA ILE B 86 23.81 13.00 19.70
C ILE B 86 25.09 13.74 19.30
N ASP B 87 26.09 12.99 18.83
CA ASP B 87 27.43 13.57 18.50
C ASP B 87 27.39 14.20 17.10
N SER B 88 28.31 15.14 16.85
CA SER B 88 28.52 15.74 15.51
C SER B 88 29.02 14.65 14.54
N ASP B 89 28.84 14.84 13.24
CA ASP B 89 29.38 13.91 12.23
C ASP B 89 30.90 13.97 12.32
N ALA B 90 31.45 15.17 12.56
CA ALA B 90 32.91 15.44 12.69
C ALA B 90 33.49 14.52 13.77
N SER B 91 32.82 14.42 14.92
CA SER B 91 33.34 13.71 16.12
C SER B 91 33.13 12.19 15.97
N TYR B 92 32.19 11.80 15.14
CA TYR B 92 31.64 10.41 15.05
C TYR B 92 31.28 10.14 13.59
N PRO B 93 32.30 10.13 12.71
CA PRO B 93 32.08 10.07 11.27
C PRO B 93 31.33 8.82 10.77
N TYR B 94 30.68 8.95 9.60
CA TYR B 94 29.94 7.84 8.91
C TYR B 94 30.92 6.88 8.24
N LYS B 95 30.75 5.57 8.46
CA LYS B 95 31.63 4.50 7.93
C LYS B 95 30.81 3.43 7.19
N ALA B 96 29.49 3.64 7.05
CA ALA B 96 28.57 2.77 6.27
C ALA B 96 28.71 1.30 6.69
N MET B 97 28.74 1.03 7.99
CA MET B 97 28.66 -0.35 8.52
C MET B 97 28.11 -0.28 9.95
N ASP B 98 27.56 -1.41 10.42
CA ASP B 98 27.17 -1.62 11.83
C ASP B 98 28.43 -1.64 12.69
N GLN B 99 28.64 -0.63 13.53
CA GLN B 99 29.73 -0.68 14.56
C GLN B 99 29.05 -0.80 15.92
N LYS B 100 29.86 -1.06 16.93
CA LYS B 100 29.42 -1.07 18.34
C LYS B 100 29.25 0.40 18.75
N CYS B 101 28.36 0.69 19.70
CA CYS B 101 28.07 2.09 20.13
C CYS B 101 29.39 2.75 20.54
N GLN B 102 29.68 3.95 20.03
CA GLN B 102 30.88 4.74 20.37
C GLN B 102 30.44 6.13 20.81
N TYR B 103 29.23 6.27 21.37
CA TYR B 103 28.68 7.60 21.76
C TYR B 103 29.49 8.14 22.94
N ASP B 104 29.86 9.41 22.86
CA ASP B 104 30.63 10.16 23.88
C ASP B 104 29.96 11.52 24.12
N SER B 105 29.47 11.73 25.35
CA SER B 105 28.66 12.91 25.75
C SER B 105 29.48 14.20 25.62
N LYS B 106 30.80 14.09 25.59
CA LYS B 106 31.69 15.27 25.53
C LYS B 106 31.67 15.85 24.12
N TYR B 107 31.38 15.07 23.05
CA TYR B 107 31.29 15.57 21.64
C TYR B 107 29.84 15.69 21.19
N ARG B 108 28.91 15.63 22.15
CA ARG B 108 27.47 15.95 21.99
C ARG B 108 27.35 17.31 21.30
N ALA B 109 26.52 17.43 20.26
CA ALA B 109 26.42 18.61 19.37
C ALA B 109 24.97 19.14 19.29
N ALA B 110 23.99 18.32 19.67
CA ALA B 110 22.58 18.73 19.80
C ALA B 110 21.83 17.73 20.69
N THR B 111 20.67 18.16 21.17
CA THR B 111 19.69 17.33 21.92
C THR B 111 18.37 17.40 21.17
N CYS B 112 17.33 16.79 21.73
CA CYS B 112 15.97 16.74 21.19
C CYS B 112 15.01 16.53 22.36
N SER B 113 14.03 17.41 22.52
CA SER B 113 13.10 17.40 23.68
C SER B 113 11.87 16.57 23.35
N LYS B 114 11.58 16.35 22.06
CA LYS B 114 10.31 15.75 21.57
C LYS B 114 10.28 15.74 20.04
N TYR B 115 9.25 15.10 19.48
CA TYR B 115 9.02 14.99 18.02
C TYR B 115 7.51 14.83 17.78
N THR B 116 7.05 15.34 16.65
CA THR B 116 5.64 15.39 16.22
C THR B 116 5.46 14.52 14.97
N GLU B 117 4.63 13.48 15.06
CA GLU B 117 4.15 12.62 13.94
C GLU B 117 2.95 13.35 13.32
N LEU B 118 2.93 13.58 12.00
CA LEU B 118 1.85 14.32 11.29
C LEU B 118 0.81 13.32 10.79
N PRO B 119 -0.45 13.76 10.54
CA PRO B 119 -1.52 12.87 10.09
C PRO B 119 -1.29 12.33 8.67
N TYR B 120 -1.60 11.05 8.49
CA TYR B 120 -1.45 10.27 7.24
C TYR B 120 -2.07 11.01 6.05
N GLY B 121 -1.28 11.26 5.01
CA GLY B 121 -1.72 11.69 3.67
C GLY B 121 -2.05 13.18 3.59
N ARG B 122 -1.98 13.90 4.71
CA ARG B 122 -2.36 15.33 4.78
C ARG B 122 -1.22 16.18 4.20
N GLU B 123 -1.29 16.48 2.90
CA GLU B 123 -0.27 17.29 2.16
C GLU B 123 -0.46 18.78 2.47
N ASP B 124 -1.59 19.16 3.06
CA ASP B 124 -1.85 20.57 3.48
C ASP B 124 -1.23 20.78 4.87
N VAL B 125 -1.34 19.78 5.74
CA VAL B 125 -0.68 19.76 7.08
C VAL B 125 0.84 19.77 6.86
N LEU B 126 1.35 18.87 6.01
CA LEU B 126 2.80 18.77 5.74
C LEU B 126 3.29 20.13 5.27
N LYS B 127 2.60 20.77 4.32
CA LYS B 127 2.99 22.09 3.78
C LYS B 127 3.09 23.11 4.92
N GLU B 128 2.17 23.06 5.89
CA GLU B 128 2.09 24.00 7.05
C GLU B 128 3.31 23.81 7.96
N ALA B 129 3.73 22.56 8.17
CA ALA B 129 4.90 22.16 8.98
C ALA B 129 6.19 22.60 8.30
N VAL B 130 6.33 22.32 7.01
CA VAL B 130 7.55 22.74 6.24
C VAL B 130 7.63 24.28 6.27
N ALA B 131 6.51 25.00 6.18
CA ALA B 131 6.46 26.48 6.18
C ALA B 131 6.85 27.03 7.55
N ASN B 132 6.27 26.51 8.63
CA ASN B 132 6.20 27.15 9.97
C ASN B 132 7.15 26.48 10.99
N LYS B 133 7.65 25.27 10.78
CA LYS B 133 8.48 24.54 11.78
C LYS B 133 9.89 24.28 11.22
N GLY B 134 10.00 23.72 10.03
CA GLY B 134 11.30 23.40 9.38
C GLY B 134 11.21 22.11 8.60
N PRO B 135 12.31 21.65 8.01
CA PRO B 135 12.33 20.39 7.28
C PRO B 135 11.65 19.26 8.05
N VAL B 136 11.04 18.32 7.33
CA VAL B 136 10.20 17.24 7.91
C VAL B 136 10.72 15.91 7.40
N SER B 137 11.05 15.00 8.32
CA SER B 137 11.42 13.59 7.98
C SER B 137 10.18 12.91 7.40
N VAL B 138 10.35 12.21 6.28
CA VAL B 138 9.24 11.45 5.61
C VAL B 138 9.81 10.14 5.09
N GLY B 139 8.92 9.16 4.93
CA GLY B 139 9.17 7.95 4.14
C GLY B 139 8.59 8.13 2.75
N VAL B 140 9.29 7.60 1.74
CA VAL B 140 8.77 7.49 0.36
C VAL B 140 8.90 6.03 -0.11
N ASP B 141 8.10 5.69 -1.10
CA ASP B 141 8.24 4.48 -1.94
C ASP B 141 9.31 4.77 -3.00
N ALA B 142 10.47 4.12 -2.90
CA ALA B 142 11.61 4.32 -3.84
C ALA B 142 11.98 3.00 -4.54
N ARG B 143 11.07 2.02 -4.54
CA ARG B 143 11.27 0.70 -5.18
C ARG B 143 11.47 0.85 -6.69
N HIS B 144 11.06 1.96 -7.30
CA HIS B 144 10.91 2.10 -8.77
C HIS B 144 12.18 2.60 -9.41
N PRO B 145 12.74 1.88 -10.40
CA PRO B 145 13.89 2.37 -11.17
C PRO B 145 13.80 3.85 -11.53
N SER B 146 12.62 4.34 -11.83
CA SER B 146 12.41 5.76 -12.21
C SER B 146 12.90 6.67 -11.08
N PHE B 147 12.81 6.23 -9.83
CA PHE B 147 13.23 6.99 -8.64
C PHE B 147 14.77 7.14 -8.66
N PHE B 148 15.52 6.03 -8.68
CA PHE B 148 17.00 6.02 -8.71
C PHE B 148 17.52 6.81 -9.91
N LEU B 149 16.76 6.82 -11.01
CA LEU B 149 17.21 7.28 -12.34
C LEU B 149 16.80 8.73 -12.57
N TYR B 150 15.95 9.29 -11.72
CA TYR B 150 15.55 10.71 -11.78
C TYR B 150 16.80 11.58 -11.96
N ARG B 151 16.69 12.54 -12.88
CA ARG B 151 17.75 13.50 -13.24
C ARG B 151 17.32 14.93 -12.86
N SER B 152 16.07 15.30 -13.18
CA SER B 152 15.54 16.67 -12.95
C SER B 152 14.04 16.75 -13.26
N GLY B 153 13.40 17.85 -12.86
CA GLY B 153 11.94 18.09 -13.07
C GLY B 153 11.13 17.58 -11.90
N VAL B 154 9.82 17.46 -12.06
CA VAL B 154 8.92 16.89 -11.01
C VAL B 154 8.78 15.39 -11.29
N TYR B 155 9.04 14.57 -10.27
CA TYR B 155 8.90 13.09 -10.31
C TYR B 155 7.43 12.70 -10.19
N TYR B 156 6.87 12.09 -11.23
CA TYR B 156 5.57 11.37 -11.14
C TYR B 156 5.79 9.97 -11.72
N GLU B 157 5.58 8.97 -10.88
CA GLU B 157 5.62 7.53 -11.23
C GLU B 157 4.21 6.97 -11.05
N PRO B 158 3.51 6.65 -12.16
CA PRO B 158 2.16 6.07 -12.09
C PRO B 158 2.05 4.84 -11.16
N SER B 159 3.12 4.05 -11.05
CA SER B 159 3.17 2.77 -10.29
C SER B 159 3.54 2.98 -8.82
N CYS B 160 3.58 4.22 -8.33
CA CYS B 160 4.04 4.52 -6.95
C CYS B 160 2.94 4.14 -5.95
N THR B 161 3.32 3.83 -4.71
CA THR B 161 2.39 3.40 -3.64
C THR B 161 2.66 4.17 -2.35
N GLN B 162 1.79 3.97 -1.37
CA GLN B 162 1.87 4.47 0.02
C GLN B 162 2.70 3.50 0.88
N ASN B 163 3.12 2.35 0.34
CA ASN B 163 3.99 1.35 1.02
C ASN B 163 5.43 1.87 1.06
N VAL B 164 5.74 2.83 1.93
CA VAL B 164 7.05 3.56 1.92
C VAL B 164 8.17 2.65 2.46
N ASN B 165 9.39 2.81 1.94
CA ASN B 165 10.56 1.95 2.27
C ASN B 165 11.84 2.77 2.47
N HIS B 166 11.83 4.08 2.29
CA HIS B 166 13.06 4.89 2.13
C HIS B 166 12.88 6.26 2.81
N GLY B 167 13.70 6.52 3.84
CA GLY B 167 13.67 7.78 4.62
C GLY B 167 14.35 8.91 3.90
N VAL B 168 13.69 10.06 3.79
CA VAL B 168 14.26 11.27 3.13
C VAL B 168 13.79 12.46 3.94
N LEU B 169 14.10 13.67 3.46
CA LEU B 169 13.80 14.91 4.19
C LEU B 169 13.20 15.94 3.24
N VAL B 170 12.04 16.46 3.60
CA VAL B 170 11.35 17.53 2.85
C VAL B 170 11.94 18.86 3.33
N VAL B 171 12.78 19.48 2.51
CA VAL B 171 13.42 20.78 2.86
C VAL B 171 12.67 21.94 2.20
N GLY B 172 11.60 21.66 1.43
CA GLY B 172 10.77 22.76 0.90
C GLY B 172 9.71 22.29 -0.07
N TYR B 173 9.16 23.25 -0.82
CA TYR B 173 8.06 23.05 -1.79
C TYR B 173 8.01 24.24 -2.73
N GLY B 174 7.41 24.00 -3.90
CA GLY B 174 7.13 25.04 -4.91
C GLY B 174 6.31 24.49 -6.05
N ASP B 175 6.40 25.16 -7.19
CA ASP B 175 5.76 24.75 -8.47
C ASP B 175 6.77 25.02 -9.59
N LEU B 176 6.98 24.02 -10.47
CA LEU B 176 7.74 24.16 -11.74
C LEU B 176 6.73 24.26 -12.87
N ASN B 177 6.53 25.47 -13.39
CA ASN B 177 5.61 25.76 -14.53
C ASN B 177 4.27 25.04 -14.29
N GLY B 178 3.56 25.39 -13.20
CA GLY B 178 2.23 24.83 -12.87
C GLY B 178 2.32 23.62 -11.97
N LYS B 179 3.23 22.67 -12.27
CA LYS B 179 3.40 21.39 -11.54
C LYS B 179 3.96 21.68 -10.15
N GLU B 180 3.16 21.39 -9.12
CA GLU B 180 3.52 21.55 -7.69
C GLU B 180 4.44 20.40 -7.27
N TYR B 181 5.39 20.67 -6.36
CA TYR B 181 6.39 19.67 -5.92
C TYR B 181 6.82 19.89 -4.45
N TRP B 182 7.29 18.79 -3.87
CA TRP B 182 8.08 18.74 -2.62
C TRP B 182 9.56 18.72 -2.99
N LEU B 183 10.37 19.56 -2.32
CA LEU B 183 11.87 19.55 -2.44
C LEU B 183 12.42 18.55 -1.43
N VAL B 184 12.95 17.43 -1.93
CA VAL B 184 13.39 16.29 -1.08
C VAL B 184 14.91 16.14 -1.17
N LYS B 185 15.57 16.20 0.00
CA LYS B 185 16.98 15.83 0.22
C LYS B 185 17.07 14.30 0.38
N ASN B 186 17.88 13.65 -0.42
CA ASN B 186 18.19 12.20 -0.32
C ASN B 186 19.60 12.00 0.28
N SER B 187 19.96 10.78 0.64
CA SER B 187 21.27 10.35 1.20
C SER B 187 22.04 9.46 0.19
N TRP B 188 21.98 9.76 -1.11
CA TRP B 188 22.68 8.98 -2.17
C TRP B 188 23.78 9.83 -2.84
N GLY B 189 24.22 10.91 -2.21
CA GLY B 189 25.36 11.70 -2.72
C GLY B 189 24.94 12.69 -3.78
N HIS B 190 25.88 13.50 -4.25
CA HIS B 190 25.58 14.69 -5.10
CA HIS B 190 25.58 14.69 -5.10
C HIS B 190 25.14 14.23 -6.50
N ASN B 191 25.42 12.98 -6.86
CA ASN B 191 25.25 12.51 -8.26
C ASN B 191 23.82 12.00 -8.46
N PHE B 192 23.02 11.88 -7.39
CA PHE B 192 21.58 11.54 -7.49
C PHE B 192 20.77 12.79 -7.78
N GLY B 193 19.89 12.75 -8.77
CA GLY B 193 18.97 13.84 -9.10
C GLY B 193 19.67 15.19 -9.27
N GLU B 194 19.15 16.24 -8.63
CA GLU B 194 19.62 17.63 -8.75
C GLU B 194 20.54 17.95 -7.57
N GLU B 195 21.83 17.64 -7.70
CA GLU B 195 22.86 17.77 -6.62
C GLU B 195 22.38 17.02 -5.37
N GLY B 196 21.70 15.88 -5.51
CA GLY B 196 21.28 15.04 -4.38
C GLY B 196 19.85 15.28 -3.95
N TYR B 197 19.14 16.17 -4.62
CA TYR B 197 17.71 16.49 -4.37
C TYR B 197 16.84 15.94 -5.49
N ILE B 198 15.59 15.63 -5.15
CA ILE B 198 14.52 15.23 -6.09
C ILE B 198 13.28 16.06 -5.75
N ARG B 199 12.70 16.68 -6.78
CA ARG B 199 11.38 17.35 -6.65
C ARG B 199 10.32 16.30 -6.94
N MET B 200 9.45 16.02 -5.98
CA MET B 200 8.45 14.93 -6.04
C MET B 200 7.05 15.56 -6.12
N ALA B 201 6.16 14.99 -6.95
CA ALA B 201 4.81 15.49 -7.26
C ALA B 201 4.10 15.80 -5.93
N ARG B 202 3.48 16.96 -5.82
CA ARG B 202 2.77 17.46 -4.61
C ARG B 202 1.31 17.79 -4.97
N ASN B 203 0.38 17.50 -4.04
CA ASN B 203 -1.09 17.68 -4.22
C ASN B 203 -1.57 16.72 -5.30
N LYS B 204 -0.92 15.54 -5.40
CA LYS B 204 -1.16 14.47 -6.39
C LYS B 204 -1.19 13.14 -5.62
N GLY B 205 -2.18 13.10 -4.69
CA GLY B 205 -2.71 11.86 -4.09
C GLY B 205 -1.72 11.23 -3.16
N ASN B 206 -1.01 12.04 -2.36
CA ASN B 206 0.04 11.56 -1.42
C ASN B 206 1.05 10.74 -2.23
N HIS B 207 1.59 11.33 -3.29
CA HIS B 207 2.40 10.57 -4.30
C HIS B 207 3.63 9.93 -3.63
N CYS B 208 3.77 8.62 -3.78
CA CYS B 208 4.83 7.75 -3.21
C CYS B 208 4.77 7.74 -1.69
N GLY B 209 3.62 8.08 -1.11
CA GLY B 209 3.39 8.07 0.34
C GLY B 209 4.26 9.08 1.06
N ILE B 210 4.58 10.20 0.40
CA ILE B 210 5.47 11.25 0.98
C ILE B 210 4.88 11.73 2.31
N ALA B 211 3.57 11.97 2.33
CA ALA B 211 2.82 12.42 3.52
C ALA B 211 2.26 11.25 4.31
N SER B 212 2.74 10.01 4.10
CA SER B 212 2.27 8.82 4.84
C SER B 212 2.74 8.88 6.28
N PHE B 213 4.07 9.01 6.53
CA PHE B 213 4.66 9.01 7.89
C PHE B 213 5.61 10.20 8.07
N PRO B 214 5.08 11.43 8.17
CA PRO B 214 5.92 12.61 8.36
C PRO B 214 6.17 12.84 9.86
N SER B 215 7.41 13.18 10.24
CA SER B 215 7.73 13.61 11.62
C SER B 215 8.82 14.68 11.60
N TYR B 216 8.78 15.54 12.63
CA TYR B 216 9.80 16.59 12.89
C TYR B 216 10.09 16.69 14.38
N PRO B 217 11.38 16.84 14.75
CA PRO B 217 11.80 16.96 16.14
C PRO B 217 11.79 18.43 16.52
N GLU B 218 11.83 18.76 17.82
CA GLU B 218 11.98 20.13 18.31
C GLU B 218 13.00 20.13 19.47
N ILE B 219 13.76 21.22 19.62
CA ILE B 219 14.74 21.41 20.72
C ILE B 219 14.20 22.52 21.63
N HIS B 220 13.55 22.16 22.72
CA HIS B 220 12.99 23.07 23.77
C HIS B 220 14.10 23.86 24.50
N HIS B 221 15.16 23.23 25.03
CA HIS B 221 16.13 23.92 25.93
C HIS B 221 17.55 23.36 25.75
N ILE C 2 43.38 -18.71 -29.02
CA ILE C 2 43.65 -17.33 -28.53
C ILE C 2 42.36 -16.51 -28.68
N LEU C 3 41.84 -15.99 -27.56
CA LEU C 3 40.58 -15.23 -27.42
C LEU C 3 40.79 -13.81 -27.92
N PRO C 4 39.80 -13.18 -28.58
CA PRO C 4 39.94 -11.78 -29.00
C PRO C 4 39.91 -10.84 -27.77
N ASP C 5 40.53 -9.67 -27.91
CA ASP C 5 40.67 -8.67 -26.81
C ASP C 5 39.29 -8.08 -26.50
N SER C 6 38.42 -8.00 -27.51
CA SER C 6 37.07 -7.41 -27.40
C SER C 6 36.04 -8.37 -27.99
N VAL C 7 34.85 -8.40 -27.37
CA VAL C 7 33.62 -9.07 -27.91
C VAL C 7 32.43 -8.18 -27.55
N ASP C 8 31.55 -7.90 -28.52
CA ASP C 8 30.29 -7.14 -28.37
C ASP C 8 29.26 -7.82 -29.26
N TRP C 9 28.36 -8.61 -28.69
CA TRP C 9 27.37 -9.42 -29.42
C TRP C 9 26.35 -8.52 -30.13
N ARG C 10 26.28 -7.24 -29.76
CA ARG C 10 25.45 -6.23 -30.47
C ARG C 10 25.99 -6.03 -31.88
N GLU C 11 27.31 -6.14 -32.09
CA GLU C 11 27.98 -6.07 -33.42
C GLU C 11 27.36 -7.11 -34.39
N LYS C 12 26.93 -8.26 -33.87
CA LYS C 12 26.41 -9.39 -34.69
C LYS C 12 24.89 -9.42 -34.61
N GLY C 13 24.26 -8.33 -34.16
CA GLY C 13 22.79 -8.15 -34.13
C GLY C 13 22.08 -9.19 -33.28
N CYS C 14 22.68 -9.66 -32.18
CA CYS C 14 22.15 -10.77 -31.33
C CYS C 14 21.56 -10.27 -30.01
N VAL C 15 21.35 -8.96 -29.87
CA VAL C 15 20.91 -8.33 -28.59
C VAL C 15 19.75 -7.40 -28.89
N THR C 16 18.64 -7.55 -28.19
CA THR C 16 17.41 -6.77 -28.45
C THR C 16 17.55 -5.41 -27.78
N GLU C 17 16.61 -4.51 -28.07
CA GLU C 17 16.39 -3.23 -27.37
C GLU C 17 16.49 -3.48 -25.86
N VAL C 18 17.00 -2.51 -25.11
CA VAL C 18 17.07 -2.63 -23.63
C VAL C 18 15.64 -2.54 -23.09
N LYS C 19 15.26 -3.42 -22.19
CA LYS C 19 13.91 -3.42 -21.56
C LYS C 19 13.94 -2.69 -20.23
N TYR C 20 12.74 -2.39 -19.70
CA TYR C 20 12.48 -1.66 -18.45
C TYR C 20 11.58 -2.53 -17.56
N GLN C 21 12.11 -3.09 -16.48
CA GLN C 21 11.35 -4.02 -15.62
C GLN C 21 10.39 -3.27 -14.70
N GLY C 22 10.48 -1.95 -14.63
CA GLY C 22 9.71 -1.20 -13.63
C GLY C 22 9.84 -1.80 -12.23
N SER C 23 8.79 -1.63 -11.42
CA SER C 23 8.74 -1.96 -9.96
C SER C 23 8.81 -3.47 -9.69
N CYS C 24 8.68 -4.29 -10.74
CA CYS C 24 8.62 -5.78 -10.70
C CYS C 24 10.05 -6.32 -10.73
N GLY C 25 10.41 -7.17 -9.75
CA GLY C 25 11.75 -7.77 -9.58
C GLY C 25 11.95 -8.94 -10.50
N ALA C 26 11.80 -8.72 -11.81
CA ALA C 26 11.85 -9.71 -12.90
C ALA C 26 13.22 -9.68 -13.62
N CYS C 27 14.25 -9.10 -13.00
CA CYS C 27 15.63 -8.98 -13.54
C CYS C 27 16.10 -10.36 -14.04
N TRP C 28 15.85 -11.43 -13.27
CA TRP C 28 16.15 -12.84 -13.64
C TRP C 28 15.45 -13.23 -14.95
N ALA C 29 14.20 -12.84 -15.14
CA ALA C 29 13.41 -13.22 -16.33
C ALA C 29 14.04 -12.52 -17.54
N PHE C 30 14.37 -11.24 -17.41
CA PHE C 30 15.02 -10.46 -18.51
C PHE C 30 16.41 -11.06 -18.85
N SER C 31 17.19 -11.46 -17.84
CA SER C 31 18.51 -12.08 -18.04
C SER C 31 18.35 -13.34 -18.88
N ALA C 32 17.39 -14.20 -18.51
CA ALA C 32 17.16 -15.50 -19.17
C ALA C 32 16.70 -15.30 -20.61
N VAL C 33 15.77 -14.38 -20.88
CA VAL C 33 15.25 -14.21 -22.26
C VAL C 33 16.38 -13.64 -23.11
N GLY C 34 17.14 -12.67 -22.56
CA GLY C 34 18.30 -12.07 -23.24
C GLY C 34 19.28 -13.14 -23.74
N ALA C 35 19.64 -14.10 -22.90
CA ALA C 35 20.59 -15.18 -23.25
C ALA C 35 20.04 -16.01 -24.41
N LEU C 36 18.74 -16.35 -24.34
CA LEU C 36 18.05 -17.20 -25.35
C LEU C 36 17.79 -16.39 -26.64
N GLU C 37 17.45 -15.10 -26.49
CA GLU C 37 17.36 -14.14 -27.62
C GLU C 37 18.58 -14.28 -28.52
N ALA C 38 19.77 -14.34 -27.94
CA ALA C 38 21.03 -14.39 -28.71
C ALA C 38 21.11 -15.72 -29.45
N GLN C 39 20.82 -16.81 -28.73
CA GLN C 39 20.87 -18.18 -29.30
C GLN C 39 19.85 -18.31 -30.44
N LEU C 40 18.69 -17.67 -30.29
CA LEU C 40 17.63 -17.62 -31.33
C LEU C 40 18.14 -16.93 -32.59
N LYS C 41 18.79 -15.79 -32.45
CA LYS C 41 19.30 -15.01 -33.61
C LYS C 41 20.39 -15.84 -34.29
N LEU C 42 21.18 -16.60 -33.52
CA LEU C 42 22.28 -17.42 -34.10
C LEU C 42 21.71 -18.56 -34.96
N LYS C 43 20.59 -19.16 -34.53
CA LYS C 43 20.02 -20.36 -35.19
C LYS C 43 19.12 -19.96 -36.37
N THR C 44 18.23 -18.96 -36.19
CA THR C 44 17.19 -18.53 -37.16
C THR C 44 17.61 -17.31 -37.98
N GLY C 45 18.60 -16.55 -37.51
CA GLY C 45 19.00 -15.28 -38.16
C GLY C 45 18.00 -14.15 -37.91
N LYS C 46 17.05 -14.35 -36.99
CA LYS C 46 16.00 -13.34 -36.68
C LYS C 46 16.09 -12.89 -35.21
N LEU C 47 16.13 -11.58 -35.00
CA LEU C 47 16.21 -10.93 -33.67
C LEU C 47 14.78 -10.70 -33.16
N VAL C 48 14.36 -11.46 -32.16
CA VAL C 48 12.98 -11.39 -31.61
C VAL C 48 13.06 -11.30 -30.10
N SER C 49 12.51 -10.23 -29.54
CA SER C 49 12.32 -10.08 -28.07
C SER C 49 11.44 -11.25 -27.63
N LEU C 50 11.89 -12.01 -26.63
CA LEU C 50 11.10 -13.10 -26.02
C LEU C 50 10.44 -12.60 -24.74
N SER C 51 9.39 -13.31 -24.31
CA SER C 51 8.42 -12.89 -23.25
C SER C 51 9.01 -13.20 -21.88
N ALA C 52 9.61 -12.18 -21.25
CA ALA C 52 9.92 -12.16 -19.81
C ALA C 52 8.61 -12.43 -19.03
N GLN C 53 7.49 -11.86 -19.45
CA GLN C 53 6.18 -12.02 -18.73
C GLN C 53 5.83 -13.51 -18.62
N ASN C 54 6.07 -14.26 -19.71
CA ASN C 54 5.89 -15.74 -19.81
C ASN C 54 6.62 -16.39 -18.61
N LEU C 55 7.86 -15.98 -18.33
CA LEU C 55 8.66 -16.60 -17.27
C LEU C 55 8.10 -16.21 -15.89
N VAL C 56 7.66 -14.96 -15.73
CA VAL C 56 7.10 -14.43 -14.45
C VAL C 56 5.80 -15.20 -14.12
N ASP C 57 4.96 -15.43 -15.12
CA ASP C 57 3.61 -16.03 -14.94
C ASP C 57 3.74 -17.56 -14.77
N CYS C 58 4.60 -18.21 -15.57
CA CYS C 58 4.56 -19.68 -15.84
C CYS C 58 5.71 -20.43 -15.16
N SER C 59 6.85 -19.79 -14.88
CA SER C 59 8.00 -20.41 -14.16
C SER C 59 7.93 -19.99 -12.69
N THR C 60 7.13 -20.69 -11.89
CA THR C 60 6.74 -20.26 -10.52
C THR C 60 7.16 -21.33 -9.51
N GLU C 61 6.23 -21.76 -8.65
CA GLU C 61 6.46 -22.58 -7.45
C GLU C 61 7.38 -23.76 -7.79
N LYS C 62 7.10 -24.45 -8.90
CA LYS C 62 7.79 -25.71 -9.31
C LYS C 62 9.28 -25.42 -9.54
N TYR C 63 9.61 -24.17 -9.90
CA TYR C 63 10.95 -23.73 -10.32
C TYR C 63 11.63 -22.88 -9.23
N GLY C 64 10.99 -22.69 -8.07
CA GLY C 64 11.55 -21.95 -6.91
C GLY C 64 11.60 -20.45 -7.17
N ASN C 65 10.68 -19.96 -8.00
CA ASN C 65 10.61 -18.57 -8.52
C ASN C 65 9.32 -17.94 -8.02
N LYS C 66 9.37 -16.67 -7.60
CA LYS C 66 8.22 -15.95 -6.99
C LYS C 66 7.82 -14.77 -7.88
N GLY C 67 7.96 -14.91 -9.19
CA GLY C 67 7.57 -13.89 -10.18
C GLY C 67 8.28 -12.56 -9.93
N CYS C 68 7.52 -11.50 -9.65
CA CYS C 68 8.02 -10.12 -9.41
C CYS C 68 8.72 -10.02 -8.06
N ASN C 69 8.84 -11.10 -7.31
CA ASN C 69 9.56 -11.11 -6.01
C ASN C 69 10.85 -11.92 -6.15
N GLY C 70 11.20 -12.33 -7.38
CA GLY C 70 12.54 -12.86 -7.70
C GLY C 70 12.51 -14.32 -8.15
N GLY C 71 13.67 -14.79 -8.62
CA GLY C 71 13.85 -16.11 -9.23
C GLY C 71 15.23 -16.25 -9.84
N PHE C 72 15.49 -17.41 -10.45
CA PHE C 72 16.83 -17.88 -10.91
C PHE C 72 16.74 -18.08 -12.42
N MET C 73 17.84 -17.84 -13.12
CA MET C 73 17.91 -17.96 -14.60
C MET C 73 17.95 -19.43 -14.97
N THR C 74 18.67 -20.24 -14.21
CA THR C 74 18.80 -21.70 -14.44
C THR C 74 17.40 -22.34 -14.49
N THR C 75 16.56 -22.12 -13.49
CA THR C 75 15.22 -22.74 -13.39
C THR C 75 14.30 -22.14 -14.45
N ALA C 76 14.57 -20.91 -14.90
CA ALA C 76 13.82 -20.24 -15.99
C ALA C 76 14.08 -21.02 -17.28
N PHE C 77 15.33 -21.41 -17.50
CA PHE C 77 15.73 -22.24 -18.66
C PHE C 77 15.00 -23.58 -18.56
N GLN C 78 15.02 -24.17 -17.37
CA GLN C 78 14.37 -25.49 -17.10
C GLN C 78 12.93 -25.45 -17.57
N TYR C 79 12.18 -24.43 -17.16
CA TYR C 79 10.76 -24.27 -17.52
C TYR C 79 10.62 -24.28 -19.04
N ILE C 80 11.49 -23.59 -19.77
CA ILE C 80 11.40 -23.47 -21.26
C ILE C 80 11.61 -24.86 -21.88
N ILE C 81 12.49 -25.68 -21.30
CA ILE C 81 12.73 -27.08 -21.72
C ILE C 81 11.46 -27.90 -21.45
N ASP C 82 10.93 -27.82 -20.23
CA ASP C 82 9.78 -28.61 -19.74
C ASP C 82 8.50 -28.23 -20.49
N ASN C 83 8.33 -26.94 -20.81
CA ASN C 83 7.19 -26.39 -21.58
C ASN C 83 7.38 -26.68 -23.08
N LYS C 84 8.62 -26.95 -23.50
CA LYS C 84 8.99 -27.13 -24.92
C LYS C 84 8.61 -25.85 -25.69
N GLY C 85 8.76 -24.68 -25.06
CA GLY C 85 8.83 -23.39 -25.79
C GLY C 85 8.61 -22.19 -24.90
N ILE C 86 8.67 -21.00 -25.50
CA ILE C 86 8.39 -19.69 -24.86
C ILE C 86 7.82 -18.77 -25.95
N ASP C 87 6.90 -17.87 -25.59
CA ASP C 87 6.23 -16.95 -26.54
C ASP C 87 7.10 -15.72 -26.78
N SER C 88 6.89 -15.04 -27.91
CA SER C 88 7.53 -13.74 -28.25
C SER C 88 7.02 -12.68 -27.27
N ASP C 89 7.78 -11.60 -27.09
CA ASP C 89 7.34 -10.48 -26.24
C ASP C 89 6.10 -9.87 -26.87
N ALA C 90 6.08 -9.80 -28.21
CA ALA C 90 4.96 -9.22 -29.03
C ALA C 90 3.66 -9.95 -28.67
N SER C 91 3.69 -11.28 -28.59
CA SER C 91 2.49 -12.14 -28.40
C SER C 91 2.04 -12.12 -26.92
N TYR C 92 2.96 -11.81 -26.02
CA TYR C 92 2.83 -12.02 -24.56
C TYR C 92 3.57 -10.89 -23.85
N PRO C 93 3.11 -9.63 -24.04
CA PRO C 93 3.85 -8.45 -23.60
C PRO C 93 4.10 -8.36 -22.09
N TYR C 94 5.14 -7.59 -21.70
CA TYR C 94 5.53 -7.32 -20.29
C TYR C 94 4.59 -6.29 -19.68
N LYS C 95 4.05 -6.59 -18.50
CA LYS C 95 3.05 -5.76 -17.78
C LYS C 95 3.52 -5.50 -16.35
N ALA C 96 4.72 -5.97 -15.97
CA ALA C 96 5.37 -5.68 -14.67
C ALA C 96 4.43 -6.03 -13.50
N MET C 97 3.75 -7.18 -13.58
CA MET C 97 3.02 -7.74 -12.42
C MET C 97 2.89 -9.25 -12.61
N ASP C 98 2.66 -9.98 -11.51
CA ASP C 98 2.36 -11.43 -11.50
C ASP C 98 0.98 -11.64 -12.12
N GLN C 99 0.91 -12.28 -13.29
CA GLN C 99 -0.37 -12.73 -13.89
C GLN C 99 -0.41 -14.26 -13.77
N LYS C 100 -1.56 -14.86 -14.01
CA LYS C 100 -1.65 -16.34 -14.11
C LYS C 100 -1.09 -16.72 -15.48
N CYS C 101 -0.62 -17.96 -15.63
CA CYS C 101 0.04 -18.44 -16.88
C CYS C 101 -0.91 -18.18 -18.05
N GLN C 102 -0.42 -17.58 -19.14
CA GLN C 102 -1.20 -17.32 -20.38
C GLN C 102 -0.43 -17.88 -21.59
N TYR C 103 0.40 -18.92 -21.36
CA TYR C 103 1.27 -19.47 -22.43
C TYR C 103 0.39 -20.14 -23.50
N ASP C 104 0.71 -19.85 -24.76
CA ASP C 104 0.04 -20.37 -25.98
C ASP C 104 1.07 -20.82 -27.01
N SER C 105 1.11 -22.12 -27.31
CA SER C 105 2.14 -22.76 -28.17
C SER C 105 2.04 -22.24 -29.62
N LYS C 106 0.92 -21.61 -29.98
CA LYS C 106 0.73 -21.10 -31.36
C LYS C 106 1.58 -19.83 -31.55
N TYR C 107 1.92 -19.07 -30.49
CA TYR C 107 2.77 -17.85 -30.58
C TYR C 107 4.18 -18.11 -30.01
N ARG C 108 4.51 -19.40 -29.86
CA ARG C 108 5.86 -19.91 -29.54
C ARG C 108 6.86 -19.27 -30.51
N ALA C 109 7.98 -18.75 -30.01
CA ALA C 109 9.01 -18.00 -30.78
C ALA C 109 10.39 -18.65 -30.65
N ALA C 110 10.63 -19.42 -29.59
CA ALA C 110 11.88 -20.18 -29.37
C ALA C 110 11.64 -21.34 -28.41
N THR C 111 12.54 -22.32 -28.44
CA THR C 111 12.61 -23.50 -27.52
C THR C 111 13.98 -23.45 -26.85
N CYS C 112 14.26 -24.46 -26.02
CA CYS C 112 15.54 -24.59 -25.30
C CYS C 112 15.81 -26.05 -24.98
N SER C 113 16.93 -26.60 -25.44
CA SER C 113 17.24 -28.05 -25.34
C SER C 113 17.99 -28.34 -24.03
N LYS C 114 18.62 -27.32 -23.43
CA LYS C 114 19.48 -27.49 -22.22
C LYS C 114 20.05 -26.14 -21.78
N TYR C 115 20.73 -26.13 -20.64
CA TYR C 115 21.53 -24.97 -20.17
C TYR C 115 22.77 -25.43 -19.42
N THR C 116 23.82 -24.59 -19.43
CA THR C 116 25.12 -24.84 -18.79
C THR C 116 25.35 -23.82 -17.68
N GLU C 117 25.58 -24.29 -16.44
CA GLU C 117 26.10 -23.50 -15.28
C GLU C 117 27.63 -23.45 -15.40
N LEU C 118 28.24 -22.27 -15.34
CA LEU C 118 29.71 -22.09 -15.35
C LEU C 118 30.25 -22.14 -13.92
N PRO C 119 31.55 -22.48 -13.74
CA PRO C 119 32.15 -22.60 -12.42
C PRO C 119 32.28 -21.24 -11.71
N TYR C 120 31.99 -21.24 -10.41
CA TYR C 120 32.00 -20.04 -9.53
C TYR C 120 33.31 -19.24 -9.67
N GLY C 121 33.20 -17.95 -9.99
CA GLY C 121 34.28 -16.97 -9.89
C GLY C 121 35.27 -17.02 -11.04
N ARG C 122 35.12 -17.98 -11.96
CA ARG C 122 36.09 -18.21 -13.07
C ARG C 122 35.82 -17.16 -14.15
N GLU C 123 36.54 -16.03 -14.10
CA GLU C 123 36.42 -14.89 -15.05
C GLU C 123 37.11 -15.23 -16.38
N ASP C 124 37.96 -16.26 -16.40
CA ASP C 124 38.64 -16.73 -17.63
C ASP C 124 37.69 -17.69 -18.35
N VAL C 125 36.97 -18.54 -17.61
CA VAL C 125 35.91 -19.42 -18.18
C VAL C 125 34.80 -18.54 -18.75
N LEU C 126 34.31 -17.57 -17.97
CA LEU C 126 33.22 -16.67 -18.42
C LEU C 126 33.62 -16.01 -19.73
N LYS C 127 34.84 -15.48 -19.81
CA LYS C 127 35.36 -14.81 -21.03
C LYS C 127 35.32 -15.78 -22.23
N GLU C 128 35.62 -17.06 -22.00
CA GLU C 128 35.69 -18.13 -23.04
C GLU C 128 34.26 -18.40 -23.56
N ALA C 129 33.28 -18.40 -22.65
CA ALA C 129 31.85 -18.62 -22.96
C ALA C 129 31.31 -17.42 -23.75
N VAL C 130 31.58 -16.20 -23.31
CA VAL C 130 31.12 -14.98 -24.04
C VAL C 130 31.74 -14.98 -25.44
N ALA C 131 33.00 -15.39 -25.58
CA ALA C 131 33.72 -15.44 -26.88
C ALA C 131 33.11 -16.51 -27.80
N ASN C 132 32.91 -17.73 -27.30
CA ASN C 132 32.66 -18.97 -28.08
C ASN C 132 31.19 -19.43 -28.11
N LYS C 133 30.32 -18.98 -27.20
CA LYS C 133 28.93 -19.50 -27.08
C LYS C 133 27.91 -18.38 -27.31
N GLY C 134 28.05 -17.28 -26.58
CA GLY C 134 27.14 -16.13 -26.71
C GLY C 134 26.93 -15.45 -25.36
N PRO C 135 26.06 -14.44 -25.28
CA PRO C 135 25.77 -13.79 -24.01
C PRO C 135 25.51 -14.79 -22.89
N VAL C 136 25.85 -14.41 -21.65
CA VAL C 136 25.79 -15.31 -20.47
C VAL C 136 24.96 -14.61 -19.40
N SER C 137 23.91 -15.27 -18.92
CA SER C 137 23.12 -14.82 -17.77
C SER C 137 24.02 -14.88 -16.54
N VAL C 138 24.01 -13.82 -15.73
CA VAL C 138 24.79 -13.74 -14.46
C VAL C 138 23.96 -13.04 -13.39
N GLY C 139 24.29 -13.30 -12.14
CA GLY C 139 23.85 -12.47 -11.00
C GLY C 139 24.94 -11.51 -10.60
N VAL C 140 24.59 -10.30 -10.20
CA VAL C 140 25.49 -9.29 -9.58
C VAL C 140 24.90 -8.83 -8.25
N ASP C 141 25.79 -8.33 -7.38
CA ASP C 141 25.44 -7.53 -6.18
C ASP C 141 25.20 -6.09 -6.63
N ALA C 142 23.95 -5.65 -6.59
CA ALA C 142 23.49 -4.30 -7.01
C ALA C 142 22.88 -3.54 -5.84
N ARG C 143 23.13 -3.96 -4.60
CA ARG C 143 22.62 -3.30 -3.36
C ARG C 143 23.15 -1.87 -3.24
N HIS C 144 24.25 -1.53 -3.91
CA HIS C 144 25.04 -0.29 -3.67
C HIS C 144 24.51 0.86 -4.52
N PRO C 145 24.14 2.00 -3.89
CA PRO C 145 23.73 3.17 -4.63
C PRO C 145 24.66 3.49 -5.82
N SER C 146 25.95 3.23 -5.70
CA SER C 146 26.92 3.46 -6.79
C SER C 146 26.49 2.71 -8.06
N PHE C 147 25.85 1.54 -7.90
CA PHE C 147 25.39 0.70 -9.04
C PHE C 147 24.26 1.42 -9.76
N PHE C 148 23.17 1.75 -9.05
CA PHE C 148 21.97 2.42 -9.62
C PHE C 148 22.37 3.72 -10.29
N LEU C 149 23.41 4.36 -9.77
CA LEU C 149 23.75 5.77 -10.11
C LEU C 149 24.80 5.80 -11.23
N TYR C 150 25.44 4.67 -11.51
CA TYR C 150 26.44 4.56 -12.59
C TYR C 150 25.89 5.23 -13.84
N ARG C 151 26.74 6.04 -14.48
CA ARG C 151 26.47 6.77 -15.73
C ARG C 151 27.40 6.30 -16.83
N SER C 152 28.68 6.04 -16.51
CA SER C 152 29.70 5.64 -17.52
C SER C 152 31.01 5.19 -16.87
N GLY C 153 31.87 4.60 -17.71
CA GLY C 153 33.20 4.11 -17.35
C GLY C 153 33.14 2.69 -16.88
N VAL C 154 34.22 2.21 -16.25
CA VAL C 154 34.26 0.87 -15.61
C VAL C 154 33.83 1.04 -14.15
N TYR C 155 32.84 0.27 -13.72
CA TYR C 155 32.26 0.29 -12.35
C TYR C 155 33.17 -0.51 -11.44
N TYR C 156 33.75 0.15 -10.43
CA TYR C 156 34.41 -0.52 -9.28
C TYR C 156 33.79 0.06 -8.00
N GLU C 157 33.20 -0.82 -7.20
CA GLU C 157 32.65 -0.53 -5.85
C GLU C 157 33.47 -1.32 -4.83
N PRO C 158 34.34 -0.65 -4.05
CA PRO C 158 35.14 -1.33 -3.04
C PRO C 158 34.33 -2.22 -2.07
N SER C 159 33.08 -1.85 -1.77
CA SER C 159 32.23 -2.55 -0.76
C SER C 159 31.39 -3.65 -1.41
N CYS C 160 31.69 -4.05 -2.65
CA CYS C 160 30.84 -5.03 -3.39
C CYS C 160 31.11 -6.45 -2.85
N THR C 161 30.13 -7.35 -3.00
CA THR C 161 30.22 -8.73 -2.47
C THR C 161 29.82 -9.75 -3.54
N GLN C 162 30.05 -11.04 -3.22
CA GLN C 162 29.63 -12.21 -4.02
C GLN C 162 28.17 -12.59 -3.69
N ASN C 163 27.52 -11.93 -2.73
CA ASN C 163 26.10 -12.15 -2.34
C ASN C 163 25.18 -11.53 -3.40
N VAL C 164 25.04 -12.13 -4.58
CA VAL C 164 24.37 -11.51 -5.75
C VAL C 164 22.85 -11.52 -5.54
N ASN C 165 22.17 -10.50 -6.09
CA ASN C 165 20.73 -10.22 -5.85
C ASN C 165 20.03 -9.71 -7.11
N HIS C 166 20.72 -9.60 -8.25
CA HIS C 166 20.20 -8.91 -9.45
C HIS C 166 20.67 -9.62 -10.73
N GLY C 167 19.73 -10.15 -11.53
CA GLY C 167 20.03 -10.86 -12.79
C GLY C 167 20.32 -9.90 -13.92
N VAL C 168 21.40 -10.11 -14.65
CA VAL C 168 21.78 -9.27 -15.82
C VAL C 168 22.38 -10.20 -16.85
N LEU C 169 22.83 -9.63 -17.97
CA LEU C 169 23.34 -10.40 -19.12
C LEU C 169 24.65 -9.82 -19.60
N VAL C 170 25.67 -10.66 -19.66
CA VAL C 170 27.02 -10.28 -20.17
C VAL C 170 26.97 -10.44 -21.68
N VAL C 171 26.92 -9.32 -22.40
CA VAL C 171 26.87 -9.34 -23.90
C VAL C 171 28.27 -9.08 -24.49
N GLY C 172 29.29 -8.93 -23.64
CA GLY C 172 30.66 -8.80 -24.17
C GLY C 172 31.68 -8.47 -23.10
N TYR C 173 32.85 -8.06 -23.56
CA TYR C 173 34.01 -7.68 -22.72
C TYR C 173 34.97 -6.83 -23.55
N GLY C 174 35.81 -6.07 -22.85
CA GLY C 174 36.89 -5.29 -23.45
C GLY C 174 37.75 -4.63 -22.39
N ASP C 175 38.45 -3.58 -22.80
CA ASP C 175 39.27 -2.71 -21.91
C ASP C 175 39.03 -1.26 -22.34
N LEU C 176 38.79 -0.37 -21.37
CA LEU C 176 38.88 1.10 -21.56
C LEU C 176 40.26 1.58 -21.07
N ASN C 177 41.18 1.85 -22.00
CA ASN C 177 42.58 2.27 -21.73
C ASN C 177 43.14 1.54 -20.49
N GLY C 178 43.32 0.23 -20.58
CA GLY C 178 43.93 -0.58 -19.51
C GLY C 178 42.90 -1.20 -18.58
N LYS C 179 41.87 -0.44 -18.18
CA LYS C 179 40.78 -0.93 -17.29
C LYS C 179 39.92 -1.97 -18.07
N GLU C 180 39.99 -3.24 -17.67
CA GLU C 180 39.27 -4.38 -18.29
C GLU C 180 37.83 -4.39 -17.74
N TYR C 181 36.87 -4.79 -18.56
CA TYR C 181 35.44 -4.74 -18.18
C TYR C 181 34.62 -5.84 -18.86
N TRP C 182 33.50 -6.16 -18.18
CA TRP C 182 32.35 -6.93 -18.72
C TRP C 182 31.32 -5.92 -19.24
N LEU C 183 30.80 -6.16 -20.45
CA LEU C 183 29.70 -5.34 -21.05
C LEU C 183 28.38 -5.97 -20.62
N VAL C 184 27.63 -5.28 -19.76
CA VAL C 184 26.45 -5.86 -19.07
C VAL C 184 25.20 -5.10 -19.54
N LYS C 185 24.25 -5.85 -20.09
CA LYS C 185 22.89 -5.40 -20.40
C LYS C 185 22.06 -5.52 -19.12
N ASN C 186 21.45 -4.41 -18.71
CA ASN C 186 20.56 -4.34 -17.53
C ASN C 186 19.10 -4.23 -18.02
N SER C 187 18.13 -4.35 -17.12
CA SER C 187 16.67 -4.30 -17.44
C SER C 187 16.03 -3.07 -16.79
N TRP C 188 16.73 -1.93 -16.78
CA TRP C 188 16.29 -0.65 -16.14
C TRP C 188 16.07 0.43 -17.20
N GLY C 189 15.95 0.06 -18.46
CA GLY C 189 15.62 1.00 -19.54
C GLY C 189 16.86 1.74 -20.03
N HIS C 190 16.67 2.56 -21.06
CA HIS C 190 17.79 3.17 -21.85
C HIS C 190 18.46 4.24 -21.01
N ASN C 191 17.83 4.75 -19.94
CA ASN C 191 18.36 5.92 -19.20
C ASN C 191 19.29 5.47 -18.08
N PHE C 192 19.43 4.17 -17.85
CA PHE C 192 20.43 3.64 -16.89
C PHE C 192 21.77 3.49 -17.60
N GLY C 193 22.83 3.99 -16.97
CA GLY C 193 24.22 3.84 -17.44
C GLY C 193 24.39 4.30 -18.87
N GLU C 194 25.03 3.48 -19.70
CA GLU C 194 25.36 3.80 -21.11
C GLU C 194 24.33 3.18 -22.03
N GLU C 195 23.24 3.89 -22.26
CA GLU C 195 22.08 3.42 -23.08
C GLU C 195 21.57 2.10 -22.53
N GLY C 196 21.60 1.89 -21.20
CA GLY C 196 21.03 0.70 -20.56
C GLY C 196 22.07 -0.35 -20.22
N TYR C 197 23.33 -0.09 -20.56
CA TYR C 197 24.47 -0.99 -20.27
C TYR C 197 25.32 -0.39 -19.14
N ILE C 198 26.00 -1.27 -18.42
CA ILE C 198 27.05 -0.94 -17.44
C ILE C 198 28.27 -1.79 -17.76
N ARG C 199 29.43 -1.13 -17.87
CA ARG C 199 30.75 -1.83 -17.94
C ARG C 199 31.21 -2.06 -16.52
N MET C 200 31.37 -3.32 -16.13
CA MET C 200 31.71 -3.71 -14.74
C MET C 200 33.13 -4.28 -14.73
N ALA C 201 33.88 -3.96 -13.66
CA ALA C 201 35.31 -4.32 -13.49
C ALA C 201 35.44 -5.82 -13.78
N ARG C 202 36.43 -6.16 -14.60
CA ARG C 202 36.75 -7.55 -14.99
C ARG C 202 38.21 -7.85 -14.61
N ASN C 203 38.49 -9.08 -14.15
CA ASN C 203 39.81 -9.53 -13.65
C ASN C 203 40.17 -8.70 -12.41
N LYS C 204 39.16 -8.43 -11.57
CA LYS C 204 39.26 -7.73 -10.27
C LYS C 204 38.41 -8.50 -9.24
N GLY C 205 38.75 -9.80 -9.09
CA GLY C 205 38.36 -10.60 -7.92
C GLY C 205 36.91 -10.97 -7.94
N ASN C 206 36.37 -11.31 -9.11
CA ASN C 206 34.95 -11.68 -9.29
C ASN C 206 34.11 -10.50 -8.75
N HIS C 207 34.38 -9.30 -9.26
CA HIS C 207 33.80 -8.04 -8.73
C HIS C 207 32.26 -8.08 -8.77
N CYS C 208 31.63 -7.89 -7.60
CA CYS C 208 30.16 -7.91 -7.37
C CYS C 208 29.58 -9.29 -7.68
N GLY C 209 30.42 -10.33 -7.65
CA GLY C 209 29.99 -11.72 -7.91
C GLY C 209 29.47 -11.92 -9.33
N ILE C 210 30.00 -11.19 -10.31
CA ILE C 210 29.53 -11.24 -11.72
C ILE C 210 29.67 -12.69 -12.21
N ALA C 211 30.80 -13.33 -11.91
CA ALA C 211 31.12 -14.73 -12.32
C ALA C 211 30.69 -15.72 -11.24
N SER C 212 29.86 -15.31 -10.26
CA SER C 212 29.36 -16.21 -9.18
C SER C 212 28.45 -17.30 -9.76
N PHE C 213 27.35 -16.96 -10.44
CA PHE C 213 26.36 -17.91 -10.99
C PHE C 213 26.06 -17.62 -12.45
N PRO C 214 27.00 -17.93 -13.36
CA PRO C 214 26.80 -17.70 -14.78
C PRO C 214 26.14 -18.92 -15.42
N SER C 215 25.15 -18.69 -16.28
CA SER C 215 24.48 -19.77 -17.05
C SER C 215 24.10 -19.26 -18.43
N TYR C 216 24.02 -20.21 -19.38
CA TYR C 216 23.61 -19.96 -20.78
C TYR C 216 22.84 -21.17 -21.31
N PRO C 217 21.79 -20.91 -22.10
CA PRO C 217 20.98 -21.96 -22.67
C PRO C 217 21.55 -22.30 -24.06
N GLU C 218 21.17 -23.44 -24.64
CA GLU C 218 21.39 -23.69 -26.09
C GLU C 218 20.11 -24.20 -26.74
N ILE C 219 19.94 -23.93 -28.04
CA ILE C 219 18.84 -24.49 -28.89
C ILE C 219 19.44 -25.49 -29.87
N HIS C 220 19.52 -26.77 -29.51
CA HIS C 220 20.26 -27.78 -30.31
C HIS C 220 19.23 -28.68 -30.98
N HIS C 221 17.94 -28.35 -30.89
CA HIS C 221 16.80 -29.05 -31.55
C HIS C 221 15.58 -28.12 -31.61
N HIS C 222 15.60 -27.15 -32.52
CA HIS C 222 14.67 -25.99 -32.58
C HIS C 222 13.26 -26.38 -33.04
N HIS C 223 13.16 -27.41 -33.87
CA HIS C 223 11.90 -27.83 -34.53
C HIS C 223 11.57 -29.24 -34.07
N ILE D 2 -39.39 2.38 39.15
CA ILE D 2 -39.91 1.75 37.90
C ILE D 2 -39.12 2.33 36.71
N LEU D 3 -38.43 1.47 35.94
CA LEU D 3 -37.55 1.94 34.82
C LEU D 3 -38.43 2.76 33.88
N PRO D 4 -38.00 3.97 33.45
CA PRO D 4 -38.81 4.77 32.54
C PRO D 4 -38.85 4.12 31.14
N ASP D 5 -39.86 4.49 30.36
CA ASP D 5 -40.12 4.00 28.99
C ASP D 5 -38.96 4.43 28.06
N SER D 6 -38.38 5.60 28.35
CA SER D 6 -37.30 6.21 27.55
C SER D 6 -36.13 6.63 28.45
N VAL D 7 -34.91 6.50 27.93
CA VAL D 7 -33.66 7.05 28.52
C VAL D 7 -32.80 7.57 27.37
N ASP D 8 -32.29 8.81 27.51
CA ASP D 8 -31.35 9.45 26.56
C ASP D 8 -30.33 10.22 27.40
N TRP D 9 -29.14 9.65 27.58
CA TRP D 9 -28.07 10.21 28.44
C TRP D 9 -27.55 11.52 27.90
N ARG D 10 -27.83 11.84 26.65
CA ARG D 10 -27.48 13.15 26.04
C ARG D 10 -28.27 14.27 26.73
N GLU D 11 -29.52 13.99 27.11
CA GLU D 11 -30.43 14.94 27.81
C GLU D 11 -29.78 15.36 29.13
N LYS D 12 -29.02 14.46 29.75
CA LYS D 12 -28.44 14.64 31.09
C LYS D 12 -26.97 15.06 30.96
N GLY D 13 -26.54 15.49 29.76
CA GLY D 13 -25.23 16.10 29.49
C GLY D 13 -24.08 15.17 29.76
N CYS D 14 -24.22 13.86 29.57
CA CYS D 14 -23.21 12.80 29.89
C CYS D 14 -22.55 12.25 28.61
N VAL D 15 -22.79 12.83 27.44
CA VAL D 15 -22.32 12.27 26.14
C VAL D 15 -21.68 13.38 25.34
N THR D 16 -20.45 13.16 24.88
CA THR D 16 -19.66 14.19 24.18
C THR D 16 -20.09 14.21 22.72
N GLU D 17 -19.60 15.19 21.97
CA GLU D 17 -19.83 15.27 20.50
C GLU D 17 -19.43 13.91 19.91
N VAL D 18 -20.06 13.58 18.78
CA VAL D 18 -19.78 12.30 18.08
C VAL D 18 -18.37 12.39 17.49
N LYS D 19 -17.52 11.38 17.69
CA LYS D 19 -16.17 11.38 17.11
C LYS D 19 -16.16 10.60 15.78
N TYR D 20 -15.09 10.80 15.02
CA TYR D 20 -14.84 10.23 13.68
C TYR D 20 -13.51 9.49 13.73
N GLN D 21 -13.53 8.15 13.70
CA GLN D 21 -12.30 7.35 13.87
C GLN D 21 -11.50 7.34 12.56
N GLY D 22 -12.06 7.84 11.45
CA GLY D 22 -11.46 7.65 10.12
C GLY D 22 -11.01 6.23 9.89
N SER D 23 -9.95 6.05 9.11
CA SER D 23 -9.48 4.73 8.58
C SER D 23 -8.87 3.84 9.67
N CYS D 24 -8.67 4.40 10.88
CA CYS D 24 -8.08 3.75 12.08
C CYS D 24 -9.17 2.96 12.83
N GLY D 25 -8.97 1.66 13.03
CA GLY D 25 -9.93 0.70 13.60
C GLY D 25 -9.96 0.79 15.12
N ALA D 26 -10.27 1.98 15.63
CA ALA D 26 -10.22 2.38 17.05
C ALA D 26 -11.65 2.44 17.65
N CYS D 27 -12.62 1.73 17.04
CA CYS D 27 -14.04 1.68 17.51
C CYS D 27 -14.08 1.29 18.99
N TRP D 28 -13.27 0.32 19.40
CA TRP D 28 -13.09 -0.13 20.81
C TRP D 28 -12.65 1.02 21.72
N ALA D 29 -11.73 1.87 21.25
CA ALA D 29 -11.17 2.97 22.06
C ALA D 29 -12.29 3.98 22.29
N PHE D 30 -13.03 4.31 21.23
CA PHE D 30 -14.12 5.30 21.31
C PHE D 30 -15.24 4.77 22.23
N SER D 31 -15.57 3.47 22.15
CA SER D 31 -16.64 2.87 23.00
C SER D 31 -16.23 3.05 24.45
N ALA D 32 -15.00 2.70 24.78
CA ALA D 32 -14.47 2.72 26.17
C ALA D 32 -14.44 4.16 26.70
N VAL D 33 -13.93 5.11 25.95
CA VAL D 33 -13.74 6.52 26.41
C VAL D 33 -15.17 7.09 26.62
N GLY D 34 -16.09 6.81 25.70
CA GLY D 34 -17.51 7.22 25.77
C GLY D 34 -18.15 6.79 27.07
N ALA D 35 -17.99 5.54 27.47
CA ALA D 35 -18.59 4.98 28.70
C ALA D 35 -18.03 5.73 29.91
N LEU D 36 -16.71 5.97 29.92
CA LEU D 36 -15.99 6.63 31.06
C LEU D 36 -16.27 8.13 31.05
N GLU D 37 -16.37 8.75 29.88
CA GLU D 37 -16.83 10.16 29.72
C GLU D 37 -18.08 10.37 30.56
N ALA D 38 -19.05 9.45 30.48
CA ALA D 38 -20.35 9.56 31.19
C ALA D 38 -20.10 9.44 32.70
N GLN D 39 -19.30 8.45 33.11
CA GLN D 39 -18.99 8.21 34.54
C GLN D 39 -18.23 9.43 35.12
N LEU D 40 -17.38 10.08 34.32
CA LEU D 40 -16.69 11.33 34.68
C LEU D 40 -17.70 12.45 34.95
N LYS D 41 -18.67 12.64 34.05
CA LYS D 41 -19.69 13.71 34.20
C LYS D 41 -20.51 13.42 35.46
N LEU D 42 -20.77 12.14 35.75
CA LEU D 42 -21.61 11.74 36.90
C LEU D 42 -20.88 12.06 38.22
N LYS D 43 -19.56 11.93 38.26
CA LYS D 43 -18.78 12.13 39.51
C LYS D 43 -18.42 13.60 39.72
N THR D 44 -17.91 14.27 38.68
CA THR D 44 -17.34 15.65 38.72
C THR D 44 -18.34 16.72 38.26
N GLY D 45 -19.39 16.34 37.54
CA GLY D 45 -20.35 17.29 36.96
C GLY D 45 -19.81 17.99 35.73
N LYS D 46 -18.66 17.56 35.18
CA LYS D 46 -18.03 18.20 34.00
C LYS D 46 -17.91 17.20 32.85
N LEU D 47 -18.39 17.61 31.66
CA LEU D 47 -18.35 16.83 30.40
C LEU D 47 -17.03 17.12 29.69
N VAL D 48 -16.13 16.14 29.65
CA VAL D 48 -14.81 16.31 28.99
C VAL D 48 -14.57 15.14 28.04
N SER D 49 -14.37 15.43 26.75
CA SER D 49 -13.90 14.42 25.78
C SER D 49 -12.58 13.87 26.29
N LEU D 50 -12.46 12.56 26.41
CA LEU D 50 -11.19 11.89 26.79
C LEU D 50 -10.49 11.40 25.52
N SER D 51 -9.18 11.15 25.64
CA SER D 51 -8.25 10.87 24.54
C SER D 51 -8.35 9.38 24.15
N ALA D 52 -9.11 9.08 23.11
CA ALA D 52 -9.06 7.77 22.43
C ALA D 52 -7.64 7.52 21.92
N GLN D 53 -6.95 8.57 21.45
CA GLN D 53 -5.53 8.47 20.96
C GLN D 53 -4.67 7.81 22.05
N ASN D 54 -4.85 8.25 23.31
CA ASN D 54 -4.18 7.72 24.52
C ASN D 54 -4.31 6.20 24.53
N LEU D 55 -5.50 5.66 24.28
CA LEU D 55 -5.73 4.19 24.33
C LEU D 55 -5.02 3.50 23.16
N VAL D 56 -5.05 4.11 21.97
CA VAL D 56 -4.41 3.57 20.73
C VAL D 56 -2.89 3.48 20.93
N ASP D 57 -2.29 4.52 21.52
CA ASP D 57 -0.82 4.67 21.67
C ASP D 57 -0.33 3.79 22.84
N CYS D 58 -1.06 3.77 23.96
CA CYS D 58 -0.55 3.35 25.31
C CYS D 58 -1.15 2.01 25.78
N SER D 59 -2.34 1.63 25.32
CA SER D 59 -2.99 0.33 25.68
C SER D 59 -2.75 -0.66 24.54
N THR D 60 -1.59 -1.32 24.54
CA THR D 60 -1.11 -2.12 23.39
C THR D 60 -0.92 -3.59 23.82
N GLU D 61 0.28 -4.14 23.59
CA GLU D 61 0.65 -5.56 23.83
C GLU D 61 0.08 -6.07 25.15
N LYS D 62 0.22 -5.27 26.22
CA LYS D 62 -0.03 -5.59 27.66
C LYS D 62 -1.33 -6.41 27.89
N TYR D 63 -2.46 -6.04 27.26
CA TYR D 63 -3.53 -7.02 26.93
C TYR D 63 -4.28 -6.60 25.67
N GLY D 64 -3.56 -6.95 24.62
CA GLY D 64 -4.15 -7.69 23.49
C GLY D 64 -4.76 -6.74 22.51
N ASN D 65 -4.25 -5.50 22.47
CA ASN D 65 -4.74 -4.39 21.61
C ASN D 65 -3.66 -4.04 20.58
N LYS D 66 -4.06 -3.82 19.33
CA LYS D 66 -3.13 -3.56 18.20
C LYS D 66 -3.42 -2.15 17.64
N GLY D 67 -3.83 -1.22 18.50
CA GLY D 67 -4.10 0.19 18.12
C GLY D 67 -5.14 0.29 17.02
N CYS D 68 -4.76 0.81 15.85
CA CYS D 68 -5.63 1.01 14.66
C CYS D 68 -6.02 -0.32 14.02
N ASN D 69 -5.51 -1.45 14.51
CA ASN D 69 -5.86 -2.79 13.98
C ASN D 69 -6.73 -3.55 15.00
N GLY D 70 -7.20 -2.86 16.04
CA GLY D 70 -8.29 -3.37 16.90
C GLY D 70 -7.86 -3.62 18.33
N GLY D 71 -8.84 -3.93 19.18
CA GLY D 71 -8.72 -4.10 20.64
C GLY D 71 -10.06 -4.26 21.31
N PHE D 72 -10.08 -4.39 22.63
CA PHE D 72 -11.27 -4.67 23.48
C PHE D 72 -11.50 -3.48 24.41
N MET D 73 -12.76 -3.21 24.77
CA MET D 73 -13.17 -2.14 25.72
C MET D 73 -12.72 -2.53 27.13
N THR D 74 -12.90 -3.79 27.50
CA THR D 74 -12.56 -4.29 28.85
C THR D 74 -11.08 -4.05 29.15
N THR D 75 -10.17 -4.44 28.25
CA THR D 75 -8.71 -4.29 28.45
C THR D 75 -8.34 -2.80 28.40
N ALA D 76 -9.13 -1.98 27.69
CA ALA D 76 -8.91 -0.50 27.62
C ALA D 76 -9.17 0.07 29.02
N PHE D 77 -10.24 -0.40 29.68
CA PHE D 77 -10.59 -0.02 31.07
C PHE D 77 -9.42 -0.44 31.97
N GLN D 78 -8.95 -1.68 31.79
CA GLN D 78 -7.85 -2.26 32.60
C GLN D 78 -6.65 -1.32 32.58
N TYR D 79 -6.23 -0.88 31.39
CA TYR D 79 -5.07 0.01 31.22
C TYR D 79 -5.28 1.28 32.04
N ILE D 80 -6.50 1.83 32.01
CA ILE D 80 -6.83 3.10 32.72
C ILE D 80 -6.69 2.88 34.24
N ILE D 81 -7.09 1.70 34.74
CA ILE D 81 -6.94 1.30 36.17
C ILE D 81 -5.45 1.22 36.50
N ASP D 82 -4.69 0.49 35.67
CA ASP D 82 -3.27 0.16 35.92
C ASP D 82 -2.43 1.44 35.83
N ASN D 83 -2.77 2.34 34.90
CA ASN D 83 -2.08 3.63 34.70
C ASN D 83 -2.58 4.68 35.70
N LYS D 84 -3.73 4.41 36.35
CA LYS D 84 -4.43 5.37 37.24
C LYS D 84 -4.63 6.72 36.53
N GLY D 85 -4.96 6.71 35.23
CA GLY D 85 -5.35 7.96 34.54
C GLY D 85 -5.56 7.80 33.05
N ILE D 86 -6.13 8.83 32.43
CA ILE D 86 -6.17 9.03 30.94
C ILE D 86 -6.25 10.54 30.69
N ASP D 87 -5.63 11.03 29.61
CA ASP D 87 -5.55 12.47 29.27
C ASP D 87 -6.83 12.90 28.55
N SER D 88 -7.15 14.20 28.61
CA SER D 88 -8.26 14.83 27.87
C SER D 88 -7.99 14.72 26.37
N ASP D 89 -9.04 14.77 25.55
CA ASP D 89 -8.87 14.79 24.08
C ASP D 89 -8.12 16.07 23.70
N ALA D 90 -8.44 17.18 24.38
CA ALA D 90 -7.84 18.51 24.15
C ALA D 90 -6.32 18.42 24.28
N SER D 91 -5.83 17.72 25.31
CA SER D 91 -4.39 17.66 25.67
C SER D 91 -3.65 16.66 24.77
N TYR D 92 -4.38 15.72 24.19
CA TYR D 92 -3.86 14.50 23.53
C TYR D 92 -4.79 14.16 22.37
N PRO D 93 -4.88 15.06 21.36
CA PRO D 93 -5.88 14.94 20.28
C PRO D 93 -5.76 13.66 19.43
N TYR D 94 -6.89 13.28 18.80
CA TYR D 94 -7.03 12.10 17.90
C TYR D 94 -6.45 12.44 16.53
N LYS D 95 -5.57 11.58 16.00
CA LYS D 95 -4.85 11.78 14.72
C LYS D 95 -5.03 10.54 13.84
N ALA D 96 -5.80 9.53 14.28
CA ALA D 96 -6.18 8.33 13.50
C ALA D 96 -4.94 7.61 12.97
N MET D 97 -3.95 7.41 13.83
CA MET D 97 -2.77 6.58 13.49
C MET D 97 -2.17 6.04 14.80
N ASP D 98 -1.42 4.94 14.71
CA ASP D 98 -0.60 4.39 15.83
C ASP D 98 0.57 5.36 16.07
N GLN D 99 0.58 6.10 17.19
CA GLN D 99 1.73 6.96 17.56
C GLN D 99 2.38 6.35 18.79
N LYS D 100 3.50 6.92 19.20
CA LYS D 100 4.24 6.43 20.39
C LYS D 100 3.47 6.95 21.60
N CYS D 101 3.53 6.22 22.73
CA CYS D 101 2.83 6.59 23.98
C CYS D 101 3.24 8.02 24.35
N GLN D 102 2.28 8.87 24.65
CA GLN D 102 2.48 10.23 25.24
C GLN D 102 1.63 10.37 26.49
N TYR D 103 1.28 9.27 27.14
CA TYR D 103 0.54 9.27 28.43
C TYR D 103 1.42 9.88 29.52
N ASP D 104 0.85 10.75 30.34
CA ASP D 104 1.37 11.10 31.70
C ASP D 104 0.30 11.92 32.43
N SER D 105 0.43 11.95 33.76
CA SER D 105 -0.64 12.39 34.68
C SER D 105 -0.76 13.92 34.68
N LYS D 106 0.00 14.65 33.85
CA LYS D 106 0.01 16.14 33.94
C LYS D 106 -1.27 16.74 33.36
N TYR D 107 -1.78 16.18 32.26
CA TYR D 107 -3.04 16.61 31.60
C TYR D 107 -4.12 15.53 31.80
N ARG D 108 -3.96 14.71 32.83
CA ARG D 108 -4.94 13.69 33.29
C ARG D 108 -6.30 14.37 33.44
N ALA D 109 -7.37 13.74 32.93
CA ALA D 109 -8.76 14.26 32.99
C ALA D 109 -9.70 13.29 33.74
N ALA D 110 -9.37 11.99 33.85
CA ALA D 110 -10.18 10.99 34.59
C ALA D 110 -9.33 9.75 34.93
N THR D 111 -9.81 8.95 35.88
CA THR D 111 -9.25 7.63 36.29
C THR D 111 -10.37 6.60 36.19
N CYS D 112 -10.15 5.36 36.64
CA CYS D 112 -11.13 4.25 36.63
C CYS D 112 -10.76 3.24 37.72
N SER D 113 -11.66 2.90 38.64
CA SER D 113 -11.38 1.99 39.77
C SER D 113 -11.68 0.53 39.39
N LYS D 114 -12.50 0.29 38.37
CA LYS D 114 -13.01 -1.06 38.00
C LYS D 114 -14.00 -0.97 36.83
N TYR D 115 -14.49 -2.12 36.35
CA TYR D 115 -15.51 -2.25 35.27
C TYR D 115 -16.31 -3.52 35.47
N THR D 116 -17.56 -3.50 35.04
CA THR D 116 -18.60 -4.56 35.25
C THR D 116 -19.01 -5.11 33.87
N GLU D 117 -18.81 -6.41 33.65
CA GLU D 117 -19.30 -7.18 32.47
C GLU D 117 -20.73 -7.63 32.78
N LEU D 118 -21.68 -7.39 31.88
CA LEU D 118 -23.11 -7.78 32.07
C LEU D 118 -23.35 -9.17 31.49
N PRO D 119 -24.40 -9.88 31.96
CA PRO D 119 -24.67 -11.25 31.49
C PRO D 119 -25.12 -11.30 30.02
N TYR D 120 -24.59 -12.28 29.27
CA TYR D 120 -24.81 -12.49 27.82
C TYR D 120 -26.32 -12.49 27.50
N GLY D 121 -26.72 -11.62 26.57
CA GLY D 121 -28.04 -11.64 25.91
C GLY D 121 -29.16 -11.06 26.77
N ARG D 122 -28.87 -10.66 28.01
CA ARG D 122 -29.90 -10.15 28.95
C ARG D 122 -30.21 -8.70 28.59
N GLU D 123 -31.23 -8.47 27.73
CA GLU D 123 -31.68 -7.13 27.26
C GLU D 123 -32.48 -6.43 28.36
N ASP D 124 -32.94 -7.15 29.38
CA ASP D 124 -33.68 -6.57 30.53
C ASP D 124 -32.66 -6.07 31.56
N VAL D 125 -31.56 -6.81 31.75
CA VAL D 125 -30.41 -6.37 32.60
C VAL D 125 -29.77 -5.14 31.96
N LEU D 126 -29.47 -5.21 30.67
CA LEU D 126 -28.83 -4.08 29.92
C LEU D 126 -29.70 -2.83 30.11
N LYS D 127 -31.01 -2.93 29.95
CA LYS D 127 -31.95 -1.79 30.09
C LYS D 127 -31.84 -1.20 31.50
N GLU D 128 -31.67 -2.04 32.52
CA GLU D 128 -31.57 -1.64 33.95
C GLU D 128 -30.26 -0.85 34.17
N ALA D 129 -29.17 -1.29 33.52
CA ALA D 129 -27.83 -0.67 33.56
C ALA D 129 -27.86 0.68 32.87
N VAL D 130 -28.44 0.77 31.67
CA VAL D 130 -28.56 2.04 30.93
C VAL D 130 -29.40 3.02 31.74
N ALA D 131 -30.46 2.57 32.41
CA ALA D 131 -31.34 3.43 33.23
C ALA D 131 -30.61 3.96 34.46
N ASN D 132 -29.94 3.07 35.21
CA ASN D 132 -29.51 3.28 36.61
C ASN D 132 -28.01 3.47 36.79
N LYS D 133 -27.16 3.16 35.81
CA LYS D 133 -25.68 3.26 35.93
C LYS D 133 -25.09 4.27 34.91
N GLY D 134 -25.51 4.20 33.65
CA GLY D 134 -25.05 5.12 32.59
C GLY D 134 -24.84 4.39 31.28
N PRO D 135 -24.34 5.09 30.25
CA PRO D 135 -24.01 4.44 28.98
C PRO D 135 -23.20 3.15 29.16
N VAL D 136 -23.37 2.20 28.26
CA VAL D 136 -22.79 0.82 28.35
C VAL D 136 -22.02 0.54 27.07
N SER D 137 -20.73 0.23 27.18
CA SER D 137 -19.91 -0.24 26.05
C SER D 137 -20.46 -1.61 25.61
N VAL D 138 -20.67 -1.81 24.31
CA VAL D 138 -21.16 -3.10 23.74
C VAL D 138 -20.43 -3.39 22.44
N GLY D 139 -20.42 -4.66 22.04
CA GLY D 139 -20.14 -5.06 20.66
C GLY D 139 -21.42 -5.31 19.90
N VAL D 140 -21.42 -5.00 18.61
CA VAL D 140 -22.49 -5.40 17.64
C VAL D 140 -21.85 -6.10 16.45
N ASP D 141 -22.66 -6.90 15.76
CA ASP D 141 -22.37 -7.45 14.41
C ASP D 141 -22.73 -6.37 13.39
N ALA D 142 -21.70 -5.81 12.73
CA ALA D 142 -21.80 -4.73 11.72
C ALA D 142 -21.23 -5.21 10.38
N ARG D 143 -21.14 -6.52 10.15
CA ARG D 143 -20.67 -7.13 8.87
C ARG D 143 -21.58 -6.72 7.70
N HIS D 144 -22.82 -6.32 7.99
CA HIS D 144 -23.91 -6.18 6.99
C HIS D 144 -23.94 -4.76 6.45
N PRO D 145 -23.82 -4.58 5.13
CA PRO D 145 -23.93 -3.26 4.53
C PRO D 145 -25.13 -2.47 5.05
N SER D 146 -26.24 -3.13 5.40
CA SER D 146 -27.43 -2.45 5.98
C SER D 146 -27.03 -1.62 7.22
N PHE D 147 -26.02 -2.08 7.97
CA PHE D 147 -25.54 -1.37 9.18
C PHE D 147 -24.89 -0.05 8.76
N PHE D 148 -23.85 -0.09 7.93
CA PHE D 148 -23.11 1.16 7.53
C PHE D 148 -24.02 2.08 6.73
N LEU D 149 -25.10 1.58 6.14
CA LEU D 149 -25.97 2.38 5.23
C LEU D 149 -27.14 3.00 6.00
N TYR D 150 -27.42 2.49 7.19
CA TYR D 150 -28.53 3.02 8.02
C TYR D 150 -28.48 4.56 8.04
N ARG D 151 -29.64 5.18 7.85
CA ARG D 151 -29.84 6.65 7.90
C ARG D 151 -30.80 7.01 9.02
N SER D 152 -31.83 6.21 9.30
CA SER D 152 -32.84 6.50 10.36
C SER D 152 -33.79 5.32 10.60
N GLY D 153 -34.57 5.42 11.67
CA GLY D 153 -35.58 4.43 12.08
C GLY D 153 -34.97 3.42 13.01
N VAL D 154 -35.66 2.32 13.24
CA VAL D 154 -35.13 1.18 14.03
C VAL D 154 -34.50 0.19 13.05
N TYR D 155 -33.24 -0.16 13.30
CA TYR D 155 -32.44 -1.11 12.48
C TYR D 155 -32.85 -2.54 12.82
N TYR D 156 -33.40 -3.26 11.85
CA TYR D 156 -33.60 -4.72 11.94
C TYR D 156 -32.99 -5.35 10.69
N GLU D 157 -32.00 -6.21 10.90
CA GLU D 157 -31.29 -6.98 9.86
C GLU D 157 -31.57 -8.46 10.13
N PRO D 158 -32.42 -9.09 9.29
CA PRO D 158 -32.75 -10.50 9.48
C PRO D 158 -31.53 -11.43 9.58
N SER D 159 -30.44 -11.09 8.89
CA SER D 159 -29.23 -11.95 8.76
C SER D 159 -28.23 -11.62 9.86
N CYS D 160 -28.61 -10.90 10.91
CA CYS D 160 -27.66 -10.44 11.96
C CYS D 160 -27.34 -11.61 12.90
N THR D 161 -26.17 -11.58 13.54
CA THR D 161 -25.69 -12.66 14.44
C THR D 161 -25.18 -12.08 15.76
N GLN D 162 -24.89 -12.98 16.70
CA GLN D 162 -24.27 -12.70 18.03
C GLN D 162 -22.74 -12.63 17.90
N ASN D 163 -22.17 -12.97 16.72
CA ASN D 163 -20.69 -12.91 16.48
C ASN D 163 -20.28 -11.44 16.26
N VAL D 164 -20.17 -10.68 17.34
CA VAL D 164 -19.98 -9.20 17.28
C VAL D 164 -18.54 -8.88 16.86
N ASN D 165 -18.37 -7.75 16.17
CA ASN D 165 -17.08 -7.32 15.56
C ASN D 165 -16.84 -5.82 15.65
N HIS D 166 -17.76 -5.04 16.24
CA HIS D 166 -17.69 -3.55 16.20
C HIS D 166 -18.14 -2.96 17.55
N GLY D 167 -17.22 -2.27 18.24
CA GLY D 167 -17.49 -1.65 19.55
C GLY D 167 -18.21 -0.34 19.42
N VAL D 168 -19.30 -0.18 20.17
CA VAL D 168 -20.16 1.04 20.15
C VAL D 168 -20.66 1.27 21.57
N LEU D 169 -21.53 2.26 21.78
CA LEU D 169 -21.94 2.72 23.12
C LEU D 169 -23.45 2.92 23.14
N VAL D 170 -24.11 2.22 24.06
CA VAL D 170 -25.58 2.34 24.28
C VAL D 170 -25.80 3.53 25.20
N VAL D 171 -26.29 4.65 24.66
CA VAL D 171 -26.55 5.89 25.43
C VAL D 171 -28.04 5.99 25.79
N GLY D 172 -28.86 5.02 25.42
CA GLY D 172 -30.27 5.06 25.84
C GLY D 172 -31.12 3.99 25.20
N TYR D 173 -32.43 4.14 25.31
CA TYR D 173 -33.46 3.23 24.78
C TYR D 173 -34.80 3.96 24.72
N GLY D 174 -35.70 3.45 23.89
CA GLY D 174 -37.09 3.94 23.77
C GLY D 174 -37.88 3.08 22.81
N ASP D 175 -38.93 3.68 22.25
CA ASP D 175 -39.78 3.08 21.20
C ASP D 175 -40.10 4.18 20.18
N LEU D 176 -39.96 3.86 18.88
CA LEU D 176 -40.52 4.65 17.74
C LEU D 176 -41.84 3.99 17.33
N ASN D 177 -42.97 4.60 17.74
CA ASN D 177 -44.35 4.13 17.44
C ASN D 177 -44.41 2.60 17.52
N GLY D 178 -44.24 2.06 18.74
CA GLY D 178 -44.36 0.62 19.00
C GLY D 178 -43.01 -0.09 18.95
N LYS D 179 -42.23 0.19 17.90
CA LYS D 179 -40.90 -0.45 17.64
C LYS D 179 -39.91 0.01 18.72
N GLU D 180 -39.48 -0.93 19.57
CA GLU D 180 -38.54 -0.70 20.70
C GLU D 180 -37.11 -0.68 20.17
N TYR D 181 -36.24 0.14 20.77
CA TYR D 181 -34.85 0.33 20.27
C TYR D 181 -33.86 0.64 21.40
N TRP D 182 -32.60 0.33 21.10
CA TRP D 182 -31.37 0.82 21.79
C TRP D 182 -30.85 2.04 21.03
N LEU D 183 -30.54 3.13 21.73
CA LEU D 183 -29.89 4.35 21.18
C LEU D 183 -28.37 4.16 21.24
N VAL D 184 -27.72 4.01 20.09
CA VAL D 184 -26.29 3.62 19.98
C VAL D 184 -25.49 4.78 19.38
N LYS D 185 -24.48 5.27 20.11
CA LYS D 185 -23.41 6.19 19.64
C LYS D 185 -22.35 5.36 18.91
N ASN D 186 -22.06 5.75 17.68
CA ASN D 186 -20.97 5.17 16.85
C ASN D 186 -19.81 6.17 16.80
N SER D 187 -18.66 5.75 16.26
CA SER D 187 -17.43 6.58 16.09
C SER D 187 -17.15 6.85 14.60
N TRP D 188 -18.18 7.08 13.78
CA TRP D 188 -18.07 7.26 12.31
C TRP D 188 -18.50 8.68 11.93
N GLY D 189 -18.56 9.60 12.90
CA GLY D 189 -18.79 11.02 12.62
C GLY D 189 -20.25 11.31 12.51
N HIS D 190 -20.59 12.58 12.32
CA HIS D 190 -21.98 13.09 12.37
CA HIS D 190 -21.96 13.13 12.34
C HIS D 190 -22.77 12.57 11.17
N ASN D 191 -22.11 12.09 10.13
CA ASN D 191 -22.75 11.76 8.85
C ASN D 191 -23.23 10.30 8.85
N PHE D 192 -22.91 9.52 9.87
CA PHE D 192 -23.46 8.15 10.00
C PHE D 192 -24.80 8.21 10.71
N GLY D 193 -25.81 7.56 10.15
CA GLY D 193 -27.16 7.46 10.76
C GLY D 193 -27.75 8.79 11.19
N GLU D 194 -28.23 8.87 12.42
CA GLU D 194 -28.93 10.05 12.98
C GLU D 194 -27.94 10.89 13.78
N GLU D 195 -27.22 11.79 13.11
CA GLU D 195 -26.16 12.64 13.70
C GLU D 195 -25.12 11.74 14.38
N GLY D 196 -24.83 10.55 13.84
CA GLY D 196 -23.77 9.68 14.39
C GLY D 196 -24.31 8.57 15.25
N TYR D 197 -25.63 8.52 15.47
CA TYR D 197 -26.34 7.48 16.27
C TYR D 197 -27.09 6.52 15.34
N ILE D 198 -27.29 5.30 15.82
CA ILE D 198 -28.19 4.29 15.21
C ILE D 198 -29.09 3.74 16.31
N ARG D 199 -30.41 3.73 16.05
CA ARG D 199 -31.40 3.04 16.89
C ARG D 199 -31.50 1.60 16.39
N MET D 200 -31.17 0.66 17.25
CA MET D 200 -31.08 -0.78 16.94
C MET D 200 -32.20 -1.54 17.66
N ALA D 201 -32.80 -2.53 16.96
CA ALA D 201 -33.99 -3.29 17.43
C ALA D 201 -33.68 -3.79 18.83
N ARG D 202 -34.63 -3.61 19.75
CA ARG D 202 -34.53 -4.02 21.18
C ARG D 202 -35.68 -4.96 21.50
N ASN D 203 -35.42 -5.98 22.34
CA ASN D 203 -36.40 -7.04 22.71
C ASN D 203 -36.77 -7.85 21.47
N LYS D 204 -35.78 -8.07 20.59
CA LYS D 204 -35.88 -8.91 19.37
C LYS D 204 -34.61 -9.76 19.32
N GLY D 205 -34.47 -10.63 20.35
CA GLY D 205 -33.58 -11.81 20.35
C GLY D 205 -32.12 -11.43 20.37
N ASN D 206 -31.76 -10.43 21.18
CA ASN D 206 -30.36 -9.95 21.32
C ASN D 206 -29.85 -9.56 19.92
N HIS D 207 -30.62 -8.70 19.23
CA HIS D 207 -30.41 -8.37 17.80
C HIS D 207 -28.99 -7.83 17.57
N CYS D 208 -28.25 -8.50 16.68
CA CYS D 208 -26.83 -8.20 16.30
C CYS D 208 -25.90 -8.34 17.50
N GLY D 209 -26.30 -9.11 18.50
CA GLY D 209 -25.49 -9.40 19.70
C GLY D 209 -25.19 -8.15 20.50
N ILE D 210 -26.11 -7.19 20.51
CA ILE D 210 -25.94 -5.89 21.23
C ILE D 210 -25.68 -6.19 22.71
N ALA D 211 -26.45 -7.11 23.29
CA ALA D 211 -26.37 -7.52 24.71
C ALA D 211 -25.42 -8.71 24.88
N SER D 212 -24.60 -9.04 23.88
CA SER D 212 -23.64 -10.18 23.96
C SER D 212 -22.53 -9.87 24.97
N PHE D 213 -21.79 -8.77 24.80
CA PHE D 213 -20.58 -8.41 25.59
C PHE D 213 -20.69 -6.97 26.13
N PRO D 214 -21.63 -6.67 27.05
CA PRO D 214 -21.79 -5.32 27.57
C PRO D 214 -20.87 -5.07 28.78
N SER D 215 -20.20 -3.93 28.84
CA SER D 215 -19.42 -3.51 30.03
C SER D 215 -19.57 -2.01 30.27
N TYR D 216 -19.42 -1.62 31.55
CA TYR D 216 -19.37 -0.21 32.02
C TYR D 216 -18.35 -0.06 33.14
N PRO D 217 -17.56 1.04 33.11
CA PRO D 217 -16.53 1.29 34.10
C PRO D 217 -17.16 2.08 35.25
N GLU D 218 -16.51 2.16 36.40
CA GLU D 218 -16.95 2.96 37.57
C GLU D 218 -15.74 3.71 38.13
N ILE D 219 -15.94 4.94 38.60
CA ILE D 219 -14.88 5.78 39.23
C ILE D 219 -15.23 5.92 40.72
N HIS D 220 -14.66 5.06 41.57
CA HIS D 220 -14.95 5.01 43.03
C HIS D 220 -14.29 6.21 43.72
N HIS D 221 -13.06 6.56 43.32
CA HIS D 221 -12.33 7.75 43.84
C HIS D 221 -11.36 8.27 42.77
N HIS D 222 -11.78 9.28 42.00
CA HIS D 222 -10.89 10.19 41.21
C HIS D 222 -10.50 11.34 42.13
N HIS D 223 -9.45 12.12 41.81
CA HIS D 223 -8.93 13.18 42.70
C HIS D 223 -9.07 14.55 42.04
#